data_6MHK
#
_entry.id   6MHK
#
_cell.length_a   78.861
_cell.length_b   116.486
_cell.length_c   141.117
_cell.angle_alpha   90.00
_cell.angle_beta   90.00
_cell.angle_gamma   90.00
#
_symmetry.space_group_name_H-M   'P 21 21 21'
#
loop_
_entity.id
_entity.type
_entity.pdbx_description
1 polymer 'Polyketide synthase'
2 water water
#
_entity_poly.entity_id   1
_entity_poly.type   'polypeptide(L)'
_entity_poly.pdbx_seq_one_letter_code
;MGSSHHHHHHSSGLVPRGSSKNTGDIAIIGMAGRYPKAKSVAEFWENLKAGTDCITEVPKSRWDWKTYKNVTSPSGKTVS
KWGGFIDDADCFDPQFFRISPREAETMDPQERLFLETCWETIEDAGYTPETLGNKGEKQHPIGVFAGVMHKDYSLIGAEQ
LSETDPFPVSLNYAQIANRVSYYCDFHGPSIAVDTVCSSSLTAVHLAIESIRRGECEAALAGGVNLSLHPAKYLSYGSVG
MHSSDGRCRTFGEGGDGYVSGEGVGAVLLKPLEKAEQDGDRIYAVIKGSAINHVGKVSGITVPSPAAQAEVIKACLKKAG
ISPRTVSYVEAHGTGTSLGDPIEIEGLSKAFSQGTQDQQFCSIGSVKSNIGHAESAAGISGLTKAALQLHHKTLVKSLHS
AELNPYLKFEESPFYVQQQTAPWKQPSAEENGKVTHYPRRAGLSSFGASGSNAHIILEEYIQPEQKAPAPENEAAKLIPL
SARNKDRLLAYAEKLARSLSEKTVLSELAYTIQTGREAMEERAVFLVNDIRDLKQKLNDFVKGNENIPGLWRGQAELPEM
SETAPETDDSIRLAELWAEGKTVDWNKLYGSGKPRKTSVPTYPFAKERYWIPQQ
;
_entity_poly.pdbx_strand_id   A,B
#
# COMPACT_ATOMS: atom_id res chain seq x y z
N GLY A 24 3.39 -12.04 21.51
CA GLY A 24 3.15 -11.30 20.28
C GLY A 24 4.12 -10.15 20.11
N ASP A 25 5.07 -10.04 21.03
CA ASP A 25 6.10 -8.95 20.98
C ASP A 25 7.11 -9.10 19.85
N ILE A 26 7.48 -7.98 19.26
CA ILE A 26 8.32 -8.01 18.06
C ILE A 26 9.64 -7.28 18.38
N ALA A 27 10.77 -7.88 18.09
CA ALA A 27 12.08 -7.26 18.33
C ALA A 27 12.50 -6.48 17.13
N ILE A 28 13.05 -5.28 17.38
CA ILE A 28 13.78 -4.57 16.35
C ILE A 28 15.24 -5.01 16.43
N ILE A 29 15.70 -5.76 15.41
CA ILE A 29 17.03 -6.32 15.44
C ILE A 29 18.08 -5.68 14.53
N GLY A 30 17.65 -4.75 13.67
CA GLY A 30 18.53 -4.08 12.74
C GLY A 30 17.87 -2.76 12.31
N MET A 31 18.66 -1.69 12.13
CA MET A 31 18.17 -0.42 11.67
C MET A 31 19.19 0.23 10.80
N ALA A 32 18.74 0.92 9.77
CA ALA A 32 19.65 1.73 8.93
C ALA A 32 18.83 2.84 8.30
N GLY A 33 19.49 3.85 7.78
CA GLY A 33 18.83 4.96 7.19
C GLY A 33 19.77 6.10 6.89
N ARG A 34 19.28 7.01 6.04
CA ARG A 34 19.90 8.25 5.79
C ARG A 34 18.93 9.32 5.93
N TYR A 35 19.38 10.44 6.51
CA TYR A 35 18.53 11.59 6.82
C TYR A 35 19.32 12.85 6.62
N PRO A 36 18.68 14.01 6.71
CA PRO A 36 19.40 15.33 6.52
C PRO A 36 20.54 15.42 7.52
N LYS A 37 21.74 15.67 6.97
CA LYS A 37 23.04 15.72 7.74
C LYS A 37 23.46 14.36 8.37
N ALA A 38 22.88 13.24 7.92
CA ALA A 38 23.19 11.93 8.49
C ALA A 38 23.29 10.84 7.40
N LYS A 39 24.51 10.34 7.19
CA LYS A 39 24.78 9.29 6.22
C LYS A 39 24.48 7.91 6.79
N SER A 40 24.16 7.84 8.07
CA SER A 40 23.90 6.57 8.76
C SER A 40 23.12 6.87 10.01
N VAL A 41 22.59 5.83 10.59
CA VAL A 41 21.87 5.90 11.81
C VAL A 41 22.82 6.41 12.90
N ALA A 42 24.08 6.05 12.90
CA ALA A 42 24.96 6.57 13.90
C ALA A 42 25.17 8.08 13.82
N GLU A 43 25.31 8.65 12.64
CA GLU A 43 25.36 10.11 12.50
C GLU A 43 24.04 10.77 12.92
N PHE A 44 22.94 10.16 12.57
CA PHE A 44 21.62 10.56 13.01
C PHE A 44 21.58 10.70 14.54
N TRP A 45 21.98 9.66 15.24
CA TRP A 45 21.97 9.64 16.69
C TRP A 45 22.84 10.80 17.26
N GLU A 46 24.03 10.96 16.74
CA GLU A 46 24.88 12.07 17.19
C GLU A 46 24.22 13.41 16.98
N ASN A 47 23.58 13.62 15.82
CA ASN A 47 22.86 14.89 15.53
C ASN A 47 21.71 15.11 16.45
N LEU A 48 21.00 14.02 16.77
CA LEU A 48 19.84 14.11 17.71
C LEU A 48 20.35 14.53 19.14
N LYS A 49 21.39 13.88 19.63
CA LYS A 49 21.92 14.20 20.95
C LYS A 49 22.40 15.65 20.98
N ALA A 50 23.00 16.11 19.92
CA ALA A 50 23.56 17.46 19.84
C ALA A 50 22.53 18.53 19.64
N GLY A 51 21.28 18.18 19.39
CA GLY A 51 20.27 19.18 19.09
C GLY A 51 20.47 19.92 17.75
N THR A 52 20.99 19.26 16.75
CA THR A 52 21.35 19.94 15.53
C THR A 52 20.11 20.20 14.68
N ASP A 53 19.94 21.44 14.22
CA ASP A 53 18.92 21.85 13.27
C ASP A 53 19.43 21.45 11.88
N CYS A 54 18.76 20.49 11.23
CA CYS A 54 19.32 19.93 10.00
C CYS A 54 18.70 20.51 8.72
N ILE A 55 17.94 21.58 8.82
CA ILE A 55 17.21 22.14 7.73
C ILE A 55 18.11 23.11 6.94
N THR A 56 18.04 23.07 5.61
CA THR A 56 18.85 23.95 4.76
C THR A 56 17.95 24.52 3.69
N GLU A 57 18.50 25.43 2.90
CA GLU A 57 17.86 25.89 1.71
C GLU A 57 17.90 24.81 0.65
N VAL A 58 16.92 24.82 -0.23
CA VAL A 58 16.92 23.91 -1.40
C VAL A 58 18.28 23.92 -2.13
N PRO A 59 18.96 22.75 -2.27
CA PRO A 59 20.25 22.75 -2.95
C PRO A 59 20.03 23.02 -4.46
N LYS A 60 20.94 23.79 -5.06
CA LYS A 60 20.88 24.07 -6.49
C LYS A 60 20.73 22.83 -7.35
N SER A 61 21.32 21.72 -6.95
CA SER A 61 21.25 20.52 -7.72
C SER A 61 19.81 19.98 -7.81
N ARG A 62 18.88 20.39 -6.97
CA ARG A 62 17.50 19.92 -7.11
C ARG A 62 16.71 20.88 -7.99
N TRP A 63 16.50 22.09 -7.53
CA TRP A 63 16.01 23.18 -8.33
C TRP A 63 16.52 24.49 -7.75
N ASP A 64 16.26 25.58 -8.42
CA ASP A 64 16.65 26.89 -7.92
C ASP A 64 15.49 27.57 -7.18
N TRP A 65 15.58 27.70 -5.86
CA TRP A 65 14.50 28.24 -5.16
C TRP A 65 14.17 29.68 -5.55
N LYS A 66 15.18 30.38 -6.07
CA LYS A 66 14.95 31.80 -6.53
C LYS A 66 14.00 31.89 -7.66
N THR A 67 13.91 30.83 -8.45
CA THR A 67 12.87 30.77 -9.46
C THR A 67 11.48 31.05 -8.91
N TYR A 68 11.18 30.57 -7.70
CA TYR A 68 9.84 30.68 -7.14
C TYR A 68 9.68 31.69 -5.98
N LYS A 69 10.72 32.42 -5.65
CA LYS A 69 10.64 33.34 -4.49
C LYS A 69 9.58 34.42 -4.63
N ASN A 70 9.16 34.73 -5.84
CA ASN A 70 8.15 35.76 -6.01
C ASN A 70 6.81 35.25 -6.35
N VAL A 71 6.65 33.93 -6.36
CA VAL A 71 5.35 33.34 -6.53
C VAL A 71 4.75 33.33 -5.13
N GLY A 76 -1.18 33.60 0.67
CA GLY A 76 -0.28 34.73 0.65
C GLY A 76 1.11 34.35 1.15
N LYS A 77 1.42 33.07 1.12
CA LYS A 77 2.71 32.59 1.56
C LYS A 77 3.56 32.31 0.35
N THR A 78 4.85 32.53 0.51
CA THR A 78 5.73 32.35 -0.62
C THR A 78 6.17 30.88 -0.65
N VAL A 79 6.39 30.36 -1.82
CA VAL A 79 6.83 29.01 -1.99
C VAL A 79 8.03 28.79 -1.06
N SER A 80 8.06 27.70 -0.29
CA SER A 80 9.16 27.50 0.65
C SER A 80 10.53 27.32 -0.02
N LYS A 81 11.58 27.99 0.49
CA LYS A 81 12.91 27.73 0.01
C LYS A 81 13.70 26.75 0.89
N TRP A 82 13.03 26.13 1.86
CA TRP A 82 13.65 25.25 2.81
C TRP A 82 13.24 23.76 2.68
N GLY A 83 14.17 22.87 3.08
CA GLY A 83 13.87 21.43 3.28
C GLY A 83 14.93 20.76 4.09
N GLY A 84 14.59 19.58 4.60
CA GLY A 84 15.59 18.68 5.10
C GLY A 84 16.05 17.82 3.91
N PHE A 85 17.29 17.93 3.47
CA PHE A 85 17.72 17.28 2.27
C PHE A 85 18.80 16.32 2.64
N ILE A 86 18.76 15.11 2.05
CA ILE A 86 19.86 14.21 2.30
C ILE A 86 20.98 14.50 1.31
N ASP A 87 22.21 14.12 1.67
CA ASP A 87 23.32 14.22 0.75
C ASP A 87 23.28 13.05 -0.25
N ASP A 88 23.69 13.34 -1.46
CA ASP A 88 23.96 12.26 -2.44
C ASP A 88 22.72 11.45 -2.78
N ALA A 89 21.57 12.12 -2.83
CA ALA A 89 20.30 11.49 -3.20
C ALA A 89 20.30 10.82 -4.58
N ASP A 90 21.17 11.33 -5.46
CA ASP A 90 21.29 10.90 -6.81
C ASP A 90 22.36 9.86 -7.05
N CYS A 91 22.95 9.33 -5.98
CA CYS A 91 24.03 8.41 -6.04
C CYS A 91 23.59 6.99 -5.73
N PHE A 92 24.32 6.01 -6.23
CA PHE A 92 23.99 4.59 -6.15
C PHE A 92 25.24 3.81 -6.57
N ASP A 93 25.33 2.56 -6.09
CA ASP A 93 26.34 1.61 -6.51
C ASP A 93 25.54 0.54 -7.28
N PRO A 94 25.35 0.71 -8.58
CA PRO A 94 24.54 -0.30 -9.30
C PRO A 94 25.36 -1.56 -9.57
N GLN A 95 26.67 -1.41 -9.79
CA GLN A 95 27.50 -2.61 -10.01
C GLN A 95 27.48 -3.53 -8.85
N PHE A 96 27.39 -3.02 -7.63
CA PHE A 96 27.27 -3.93 -6.53
C PHE A 96 26.11 -4.92 -6.75
N PHE A 97 24.98 -4.40 -7.22
CA PHE A 97 23.74 -5.22 -7.38
C PHE A 97 23.62 -5.83 -8.80
N ARG A 98 24.62 -5.61 -9.66
CA ARG A 98 24.69 -6.11 -11.02
C ARG A 98 23.62 -5.44 -11.83
N ILE A 99 23.40 -4.18 -11.53
CA ILE A 99 22.51 -3.37 -12.30
C ILE A 99 23.36 -2.55 -13.28
N SER A 100 22.95 -2.45 -14.52
CA SER A 100 23.65 -1.61 -15.48
C SER A 100 23.48 -0.10 -15.23
N PRO A 101 24.40 0.70 -15.73
CA PRO A 101 24.32 2.13 -15.67
C PRO A 101 23.04 2.64 -16.27
N ARG A 102 22.62 2.09 -17.41
CA ARG A 102 21.41 2.56 -18.02
C ARG A 102 20.15 2.33 -17.13
N GLU A 103 20.07 1.15 -16.55
CA GLU A 103 18.99 0.82 -15.67
C GLU A 103 19.01 1.67 -14.39
N ALA A 104 20.19 1.96 -13.90
CA ALA A 104 20.32 2.80 -12.71
C ALA A 104 19.78 4.18 -13.01
N GLU A 105 20.00 4.71 -14.23
CA GLU A 105 19.46 6.03 -14.54
C GLU A 105 17.97 6.08 -14.54
N THR A 106 17.34 5.02 -15.00
CA THR A 106 15.90 5.02 -15.11
C THR A 106 15.22 4.67 -13.80
N MET A 107 15.98 4.14 -12.86
CA MET A 107 15.40 3.73 -11.59
C MET A 107 15.16 4.93 -10.71
N ASP A 108 13.96 5.07 -10.15
CA ASP A 108 13.70 6.08 -9.13
C ASP A 108 14.77 6.08 -8.05
N PRO A 109 15.38 7.22 -7.80
CA PRO A 109 16.31 7.28 -6.65
C PRO A 109 15.76 6.77 -5.30
N GLN A 110 14.45 6.89 -5.12
CA GLN A 110 13.79 6.35 -3.94
C GLN A 110 13.96 4.84 -3.87
N GLU A 111 13.93 4.19 -5.03
CA GLU A 111 14.11 2.75 -5.12
C GLU A 111 15.58 2.38 -4.92
N ARG A 112 16.49 3.14 -5.52
CA ARG A 112 17.94 2.95 -5.37
C ARG A 112 18.35 3.02 -3.89
N LEU A 113 17.88 4.05 -3.20
CA LEU A 113 18.29 4.29 -1.83
C LEU A 113 17.64 3.32 -0.85
N PHE A 114 16.41 2.94 -1.10
CA PHE A 114 15.77 1.96 -0.25
C PHE A 114 16.44 0.62 -0.35
N LEU A 115 16.93 0.27 -1.53
CA LEU A 115 17.64 -0.97 -1.75
C LEU A 115 18.94 -0.97 -0.90
N GLU A 116 19.72 0.09 -1.00
CA GLU A 116 20.97 0.14 -0.24
C GLU A 116 20.64 0.14 1.25
N THR A 117 19.59 0.86 1.63
CA THR A 117 19.24 0.95 3.01
C THR A 117 18.74 -0.39 3.61
N CYS A 118 17.93 -1.14 2.88
CA CYS A 118 17.58 -2.47 3.35
C CYS A 118 18.83 -3.38 3.46
N TRP A 119 19.70 -3.28 2.49
CA TRP A 119 21.02 -4.04 2.55
C TRP A 119 21.73 -3.72 3.84
N GLU A 120 21.83 -2.46 4.17
CA GLU A 120 22.42 -1.97 5.42
C GLU A 120 21.75 -2.50 6.71
N THR A 121 20.44 -2.58 6.66
CA THR A 121 19.68 -2.96 7.80
C THR A 121 19.92 -4.39 8.18
N ILE A 122 19.96 -5.25 7.17
CA ILE A 122 20.22 -6.64 7.35
C ILE A 122 21.63 -6.80 7.89
N GLU A 123 22.55 -6.09 7.28
CA GLU A 123 23.99 -6.11 7.77
C GLU A 123 24.10 -5.56 9.22
N ASP A 124 23.35 -4.51 9.53
CA ASP A 124 23.35 -3.97 10.90
C ASP A 124 22.85 -4.98 11.92
N ALA A 125 21.91 -5.83 11.50
CA ALA A 125 21.37 -6.93 12.36
C ALA A 125 22.34 -8.07 12.49
N GLY A 126 23.38 -8.14 11.66
CA GLY A 126 24.35 -9.24 11.74
C GLY A 126 23.92 -10.46 10.93
N TYR A 127 23.21 -10.23 9.85
CA TYR A 127 22.71 -11.28 9.01
C TYR A 127 23.14 -11.05 7.57
N THR A 128 23.05 -12.12 6.76
CA THR A 128 23.08 -12.01 5.36
C THR A 128 21.68 -12.47 4.88
N PRO A 129 21.32 -12.17 3.66
CA PRO A 129 20.09 -12.72 3.11
C PRO A 129 20.00 -14.23 3.25
N GLU A 130 21.11 -14.91 3.06
CA GLU A 130 21.15 -16.34 3.26
C GLU A 130 20.86 -16.75 4.66
N THR A 131 21.56 -16.18 5.65
CA THR A 131 21.35 -16.61 7.03
C THR A 131 20.03 -16.09 7.61
N LEU A 132 19.49 -15.03 7.00
CA LEU A 132 18.21 -14.51 7.47
C LEU A 132 17.11 -15.43 6.97
N GLY A 133 17.15 -15.76 5.67
CA GLY A 133 16.20 -16.65 4.93
C GLY A 133 16.52 -18.13 4.82
N HIS A 140 13.30 -17.77 2.47
CA HIS A 140 12.02 -17.73 1.84
C HIS A 140 11.25 -16.57 2.48
N PRO A 141 10.58 -16.88 3.69
CA PRO A 141 9.44 -16.03 3.97
C PRO A 141 9.80 -14.86 4.83
N ILE A 142 10.36 -13.90 4.17
CA ILE A 142 10.82 -12.61 4.72
C ILE A 142 10.07 -11.58 3.91
N GLY A 143 9.28 -10.73 4.62
CA GLY A 143 8.55 -9.66 4.02
C GLY A 143 9.28 -8.34 3.87
N VAL A 144 8.83 -7.52 2.92
CA VAL A 144 9.33 -6.15 2.70
C VAL A 144 8.13 -5.23 2.57
N PHE A 145 8.04 -4.23 3.43
CA PHE A 145 6.88 -3.34 3.49
C PHE A 145 7.43 -1.91 3.50
N ALA A 146 7.15 -1.17 2.41
CA ALA A 146 7.68 0.18 2.22
C ALA A 146 6.56 1.28 2.17
N GLY A 147 6.68 2.30 3.01
CA GLY A 147 5.82 3.46 2.92
C GLY A 147 6.38 4.49 1.90
N VAL A 148 5.52 4.95 1.02
CA VAL A 148 5.85 5.88 -0.02
C VAL A 148 4.68 6.78 -0.41
N MET A 149 4.86 8.07 -0.49
CA MET A 149 3.78 8.94 -0.96
C MET A 149 3.98 9.91 -2.15
N HIS A 150 5.22 10.01 -2.63
CA HIS A 150 5.58 10.81 -3.76
C HIS A 150 6.48 10.07 -4.78
N LYS A 151 6.31 10.41 -6.05
CA LYS A 151 7.10 9.93 -7.15
C LYS A 151 7.56 11.06 -8.07
N ASP A 152 8.32 11.93 -7.46
CA ASP A 152 8.88 13.11 -8.17
C ASP A 152 9.66 12.66 -9.39
N TYR A 153 10.33 11.52 -9.32
CA TYR A 153 11.08 11.04 -10.53
C TYR A 153 10.21 10.72 -11.67
N SER A 154 8.93 10.42 -11.42
CA SER A 154 8.01 10.23 -12.54
C SER A 154 7.79 11.60 -13.31
N LEU A 155 7.69 12.70 -12.57
CA LEU A 155 7.50 14.04 -13.17
C LEU A 155 8.72 14.39 -13.99
N ILE A 156 9.89 14.10 -13.42
CA ILE A 156 11.16 14.37 -14.08
C ILE A 156 11.28 13.53 -15.36
N GLY A 157 10.91 12.28 -15.26
CA GLY A 157 10.89 11.38 -16.43
C GLY A 157 9.93 11.83 -17.49
N ALA A 158 8.76 12.20 -17.08
CA ALA A 158 7.77 12.58 -18.05
C ALA A 158 8.14 13.88 -18.79
N GLU A 159 8.79 14.84 -18.13
CA GLU A 159 9.26 16.06 -18.77
C GLU A 159 10.21 15.72 -19.91
N GLN A 160 11.06 14.75 -19.69
CA GLN A 160 12.03 14.35 -20.66
C GLN A 160 11.49 13.50 -21.79
N LEU A 161 10.33 12.90 -21.60
CA LEU A 161 9.71 12.17 -22.68
C LEU A 161 9.32 13.13 -23.78
N ASP A 165 13.07 10.50 -27.09
CA ASP A 165 12.84 9.15 -27.59
C ASP A 165 12.44 8.24 -26.41
N PRO A 166 11.37 7.48 -26.57
CA PRO A 166 10.83 6.66 -25.47
C PRO A 166 11.89 5.96 -24.60
N PHE A 167 11.67 5.98 -23.28
CA PHE A 167 12.45 5.26 -22.34
C PHE A 167 11.56 4.93 -21.16
N PRO A 168 11.97 4.02 -20.33
CA PRO A 168 11.06 3.68 -19.21
C PRO A 168 11.07 4.74 -18.06
N VAL A 169 9.92 5.42 -17.88
CA VAL A 169 9.70 6.34 -16.81
C VAL A 169 9.30 5.46 -15.59
N SER A 170 9.72 5.87 -14.40
CA SER A 170 9.38 5.11 -13.18
C SER A 170 7.98 5.63 -12.76
N LEU A 171 6.98 4.86 -13.11
CA LEU A 171 5.59 5.28 -12.91
C LEU A 171 4.85 4.66 -11.71
N ASN A 172 5.44 3.69 -11.03
CA ASN A 172 4.80 2.97 -9.92
C ASN A 172 5.63 3.00 -8.67
N TYR A 173 5.03 2.59 -7.56
CA TYR A 173 5.74 2.44 -6.28
C TYR A 173 6.32 1.07 -6.06
N ALA A 174 5.73 0.04 -6.65
CA ALA A 174 5.94 -1.33 -6.14
C ALA A 174 7.42 -1.72 -6.16
N GLN A 175 8.16 -1.26 -7.14
CA GLN A 175 9.55 -1.71 -7.28
C GLN A 175 10.43 -1.30 -6.13
N ILE A 176 10.00 -0.26 -5.40
CA ILE A 176 10.67 0.15 -4.15
C ILE A 176 10.80 -1.02 -3.17
N ALA A 177 9.71 -1.73 -2.97
CA ALA A 177 9.73 -2.95 -2.15
C ALA A 177 10.19 -4.16 -2.93
N ASN A 178 9.74 -4.29 -4.17
CA ASN A 178 9.92 -5.55 -4.88
C ASN A 178 11.43 -5.74 -5.21
N ARG A 179 12.13 -4.66 -5.45
CA ARG A 179 13.55 -4.80 -5.80
C ARG A 179 14.35 -5.39 -4.66
N VAL A 180 13.99 -5.02 -3.44
CA VAL A 180 14.63 -5.60 -2.28
C VAL A 180 14.36 -7.13 -2.22
N SER A 181 13.09 -7.53 -2.30
CA SER A 181 12.71 -8.95 -2.29
C SER A 181 13.46 -9.71 -3.40
N TYR A 182 13.54 -9.09 -4.58
CA TYR A 182 14.22 -9.64 -5.74
C TYR A 182 15.68 -9.88 -5.45
N TYR A 183 16.39 -8.82 -5.10
CA TYR A 183 17.82 -8.92 -4.91
C TYR A 183 18.20 -9.86 -3.77
N CYS A 184 17.50 -9.80 -2.66
CA CYS A 184 17.80 -10.60 -1.51
C CYS A 184 17.25 -12.00 -1.51
N ASP A 185 16.52 -12.33 -2.56
CA ASP A 185 15.80 -13.61 -2.67
C ASP A 185 14.84 -13.89 -1.56
N PHE A 186 13.96 -12.96 -1.29
CA PHE A 186 12.94 -13.08 -0.27
C PHE A 186 11.59 -13.36 -0.91
N HIS A 187 10.78 -14.17 -0.26
CA HIS A 187 9.57 -14.70 -0.84
C HIS A 187 8.31 -14.29 -0.11
N GLY A 188 8.48 -13.51 0.94
CA GLY A 188 7.34 -13.06 1.70
C GLY A 188 6.60 -11.94 0.99
N PRO A 189 5.52 -11.46 1.55
CA PRO A 189 4.88 -10.25 1.03
C PRO A 189 5.83 -9.14 0.75
N SER A 190 5.65 -8.45 -0.39
CA SER A 190 6.49 -7.34 -0.86
C SER A 190 5.57 -6.28 -1.33
N ILE A 191 5.37 -5.26 -0.48
CA ILE A 191 4.29 -4.27 -0.65
C ILE A 191 4.77 -2.86 -0.45
N ALA A 192 4.34 -1.94 -1.32
CA ALA A 192 4.38 -0.51 -1.08
C ALA A 192 3.02 0.01 -0.63
N VAL A 193 3.01 0.84 0.40
CA VAL A 193 1.76 1.36 0.92
C VAL A 193 1.84 2.88 1.06
N ASP A 194 0.70 3.51 0.85
CA ASP A 194 0.55 4.98 0.87
C ASP A 194 -0.65 5.36 1.70
N THR A 195 -0.36 5.93 2.87
CA THR A 195 -1.32 6.60 3.69
C THR A 195 -0.80 7.99 4.00
N VAL A 196 -0.19 8.60 3.00
CA VAL A 196 0.54 9.81 3.08
C VAL A 196 1.45 9.87 4.31
N CYS A 197 1.32 10.89 5.14
CA CYS A 197 2.25 11.12 6.21
C CYS A 197 2.44 9.95 7.18
N SER A 198 1.48 9.05 7.26
CA SER A 198 1.60 7.94 8.19
C SER A 198 2.12 6.67 7.48
N SER A 199 2.48 6.78 6.21
CA SER A 199 2.82 5.62 5.37
C SER A 199 3.80 4.58 5.97
N SER A 200 4.90 5.05 6.54
CA SER A 200 5.88 4.11 7.10
C SER A 200 5.46 3.42 8.40
N LEU A 201 4.54 4.01 9.14
CA LEU A 201 3.96 3.37 10.29
C LEU A 201 2.91 2.38 9.85
N THR A 202 2.17 2.72 8.81
CA THR A 202 1.23 1.77 8.27
C THR A 202 2.05 0.57 7.80
N ALA A 203 3.15 0.83 7.14
CA ALA A 203 4.06 -0.24 6.71
C ALA A 203 4.53 -1.15 7.90
N VAL A 204 5.00 -0.54 8.96
CA VAL A 204 5.38 -1.31 10.13
C VAL A 204 4.23 -2.10 10.68
N HIS A 205 3.04 -1.49 10.77
CA HIS A 205 1.90 -2.18 11.27
C HIS A 205 1.59 -3.46 10.44
N LEU A 206 1.60 -3.33 9.14
CA LEU A 206 1.34 -4.46 8.28
C LEU A 206 2.42 -5.54 8.42
N ALA A 207 3.67 -5.13 8.61
CA ALA A 207 4.75 -6.08 8.79
C ALA A 207 4.53 -6.85 10.09
N ILE A 208 4.16 -6.14 11.16
CA ILE A 208 3.95 -6.80 12.44
C ILE A 208 2.85 -7.82 12.35
N GLU A 209 1.74 -7.40 11.74
CA GLU A 209 0.61 -8.31 11.61
C GLU A 209 0.99 -9.51 10.80
N SER A 210 1.75 -9.33 9.75
CA SER A 210 2.19 -10.43 8.94
C SER A 210 3.05 -11.45 9.72
N ILE A 211 3.98 -10.95 10.53
CA ILE A 211 4.81 -11.74 11.35
C ILE A 211 3.94 -12.48 12.40
N ARG A 212 2.97 -11.79 12.99
CA ARG A 212 2.19 -12.38 14.10
C ARG A 212 1.31 -13.49 13.61
N ARG A 213 0.87 -13.44 12.37
CA ARG A 213 0.06 -14.57 11.88
C ARG A 213 0.86 -15.61 11.21
N GLY A 214 2.17 -15.47 11.18
CA GLY A 214 3.01 -16.47 10.58
C GLY A 214 3.22 -16.46 9.08
N GLU A 215 2.79 -15.42 8.42
CA GLU A 215 3.05 -15.25 7.02
C GLU A 215 4.55 -15.02 6.71
N CYS A 216 5.24 -14.24 7.55
CA CYS A 216 6.69 -14.02 7.53
C CYS A 216 7.34 -14.46 8.82
N GLU A 217 8.54 -14.92 8.74
CA GLU A 217 9.33 -15.20 9.92
C GLU A 217 10.06 -13.93 10.38
N ALA A 218 10.25 -12.99 9.45
CA ALA A 218 10.88 -11.65 9.79
C ALA A 218 10.48 -10.74 8.66
N ALA A 219 10.69 -9.46 8.83
CA ALA A 219 10.33 -8.52 7.83
C ALA A 219 11.12 -7.24 7.92
N LEU A 220 11.41 -6.67 6.80
CA LEU A 220 11.86 -5.32 6.72
C LEU A 220 10.66 -4.38 6.61
N ALA A 221 10.72 -3.29 7.32
CA ALA A 221 9.68 -2.30 7.22
C ALA A 221 10.29 -0.92 7.27
N GLY A 222 9.80 -0.02 6.44
CA GLY A 222 10.31 1.31 6.49
C GLY A 222 9.68 2.23 5.49
N GLY A 223 10.43 3.26 5.09
CA GLY A 223 9.90 4.19 4.17
C GLY A 223 10.93 5.04 3.54
N VAL A 224 10.50 5.76 2.52
CA VAL A 224 11.38 6.59 1.78
C VAL A 224 10.66 7.80 1.22
N ASN A 225 11.34 8.92 1.21
CA ASN A 225 10.82 10.12 0.65
C ASN A 225 11.91 11.02 0.12
N LEU A 226 11.82 11.37 -1.14
CA LEU A 226 12.79 12.32 -1.76
C LEU A 226 12.08 13.49 -2.48
N SER A 227 12.68 14.69 -2.36
CA SER A 227 12.15 15.90 -2.84
C SER A 227 12.94 16.32 -4.06
N LEU A 228 12.56 15.83 -5.26
CA LEU A 228 13.41 15.94 -6.40
C LEU A 228 12.88 16.93 -7.39
N HIS A 229 11.61 17.35 -7.30
CA HIS A 229 10.98 18.14 -8.32
C HIS A 229 10.13 19.15 -7.59
N PRO A 230 10.09 20.39 -8.12
CA PRO A 230 9.43 21.45 -7.36
C PRO A 230 7.89 21.43 -7.33
N ALA A 231 7.24 20.54 -8.10
CA ALA A 231 5.81 20.55 -8.12
C ALA A 231 5.23 20.46 -6.75
N LYS A 232 5.78 19.57 -5.92
CA LYS A 232 5.21 19.39 -4.60
C LYS A 232 5.27 20.72 -3.83
N TYR A 233 6.35 21.44 -3.97
CA TYR A 233 6.52 22.68 -3.19
C TYR A 233 5.51 23.71 -3.61
N LEU A 234 5.26 23.77 -4.92
CA LEU A 234 4.27 24.73 -5.45
C LEU A 234 2.92 24.30 -5.04
N SER A 235 2.68 22.99 -5.15
CA SER A 235 1.38 22.45 -4.85
C SER A 235 1.02 22.59 -3.36
N TYR A 236 1.91 22.12 -2.49
CA TYR A 236 1.68 22.17 -1.02
C TYR A 236 1.72 23.62 -0.51
N GLY A 237 2.51 24.45 -1.16
CA GLY A 237 2.45 25.87 -0.91
C GLY A 237 1.12 26.52 -1.22
N SER A 238 0.50 26.14 -2.35
CA SER A 238 -0.81 26.69 -2.74
C SER A 238 -1.86 26.46 -1.69
N VAL A 239 -1.74 25.39 -0.91
CA VAL A 239 -2.70 25.09 0.12
C VAL A 239 -2.23 25.55 1.52
N GLY A 240 -1.08 26.19 1.62
CA GLY A 240 -0.54 26.66 2.89
C GLY A 240 0.06 25.64 3.86
N MET A 241 0.49 24.50 3.35
CA MET A 241 0.98 23.46 4.20
C MET A 241 2.37 23.72 4.76
N HIS A 242 3.15 24.52 4.05
CA HIS A 242 4.52 24.78 4.41
C HIS A 242 4.70 26.01 5.31
N SER A 243 5.55 25.92 6.32
CA SER A 243 5.79 27.02 7.23
C SER A 243 6.54 28.17 6.55
N SER A 244 6.33 29.38 7.05
CA SER A 244 7.03 30.51 6.47
C SER A 244 8.47 30.67 6.90
N ASP A 245 8.90 30.03 7.99
CA ASP A 245 10.32 29.98 8.32
C ASP A 245 11.06 28.70 7.94
N GLY A 246 10.40 27.71 7.28
CA GLY A 246 11.09 26.49 6.93
C GLY A 246 11.42 25.53 8.12
N ARG A 247 10.63 25.57 9.19
CA ARG A 247 10.81 24.73 10.34
C ARG A 247 9.52 24.09 10.74
N CYS A 248 9.65 22.95 11.40
CA CYS A 248 8.57 22.34 12.18
C CYS A 248 8.77 22.71 13.64
N ARG A 249 8.00 23.69 14.11
CA ARG A 249 8.17 24.23 15.47
C ARG A 249 7.31 23.41 16.41
N THR A 250 7.75 22.18 16.62
CA THR A 250 6.96 21.19 17.36
C THR A 250 6.59 21.71 18.77
N PHE A 251 5.31 21.96 18.94
CA PHE A 251 4.65 22.50 20.12
C PHE A 251 5.21 23.84 20.52
N GLY A 252 5.79 24.54 19.56
CA GLY A 252 6.44 25.80 19.83
C GLY A 252 5.60 26.94 19.31
N GLU A 253 5.88 28.16 19.81
CA GLU A 253 5.09 29.33 19.48
C GLU A 253 5.34 29.72 18.01
N GLY A 254 4.31 30.15 17.35
CA GLY A 254 4.45 30.74 16.00
C GLY A 254 4.42 29.74 14.83
N GLY A 255 4.27 28.46 15.12
CA GLY A 255 4.25 27.43 14.08
C GLY A 255 3.14 27.62 13.08
N ASP A 256 3.48 27.70 11.80
CA ASP A 256 2.45 27.96 10.77
C ASP A 256 2.52 27.03 9.56
N GLY A 257 3.01 25.82 9.78
CA GLY A 257 3.05 24.78 8.75
C GLY A 257 4.30 23.92 8.99
N TYR A 258 4.62 23.09 8.02
CA TYR A 258 5.76 22.25 8.18
C TYR A 258 6.80 22.49 7.14
N VAL A 259 7.98 21.88 7.31
CA VAL A 259 8.98 21.90 6.30
C VAL A 259 9.13 20.48 5.79
N SER A 260 9.12 20.34 4.46
CA SER A 260 9.32 19.01 3.89
C SER A 260 10.71 18.49 4.10
N GLY A 261 10.76 17.22 4.40
CA GLY A 261 12.06 16.53 4.62
C GLY A 261 12.20 15.22 3.85
N GLU A 262 13.46 14.88 3.57
CA GLU A 262 13.84 13.66 2.90
C GLU A 262 14.32 12.65 3.94
N GLY A 263 14.14 11.38 3.65
CA GLY A 263 14.66 10.37 4.52
C GLY A 263 14.48 9.01 3.85
N VAL A 264 15.29 8.08 4.26
CA VAL A 264 15.06 6.71 3.88
C VAL A 264 15.45 5.90 5.07
N GLY A 265 14.71 4.88 5.36
CA GLY A 265 15.01 4.09 6.55
C GLY A 265 14.32 2.77 6.55
N ALA A 266 14.84 1.83 7.33
CA ALA A 266 14.19 0.58 7.58
C ALA A 266 14.62 -0.07 8.88
N VAL A 267 13.75 -0.92 9.39
CA VAL A 267 14.01 -1.75 10.54
C VAL A 267 13.74 -3.19 10.18
N LEU A 268 14.55 -4.10 10.75
CA LEU A 268 14.33 -5.53 10.61
C LEU A 268 13.63 -6.04 11.86
N LEU A 269 12.45 -6.61 11.65
CA LEU A 269 11.60 -7.04 12.69
C LEU A 269 11.56 -8.54 12.77
N LYS A 270 11.49 -9.08 14.02
CA LYS A 270 11.45 -10.53 14.21
C LYS A 270 10.76 -10.82 15.56
N PRO A 271 10.03 -11.96 15.71
CA PRO A 271 9.41 -12.28 16.99
C PRO A 271 10.44 -12.26 18.06
N LEU A 272 10.10 -11.65 19.17
CA LEU A 272 11.04 -11.45 20.26
C LEU A 272 11.65 -12.77 20.71
N GLU A 273 10.83 -13.81 20.89
CA GLU A 273 11.36 -15.10 21.41
C GLU A 273 12.42 -15.67 20.47
N LYS A 274 12.21 -15.54 19.18
CA LYS A 274 13.15 -16.12 18.23
C LYS A 274 14.41 -15.28 18.15
N ALA A 275 14.25 -13.98 18.27
CA ALA A 275 15.42 -13.10 18.31
C ALA A 275 16.27 -13.40 19.55
N GLU A 276 15.64 -13.65 20.68
CA GLU A 276 16.40 -14.00 21.87
C GLU A 276 17.15 -15.29 21.67
N GLN A 277 16.47 -16.28 21.14
CA GLN A 277 17.07 -17.58 21.04
C GLN A 277 18.13 -17.63 19.98
N ASP A 278 18.09 -16.77 18.96
CA ASP A 278 19.17 -16.64 17.99
C ASP A 278 20.33 -15.70 18.43
N GLY A 279 20.28 -15.11 19.62
CA GLY A 279 21.37 -14.23 20.12
C GLY A 279 21.46 -12.91 19.36
N ASP A 280 20.29 -12.43 18.89
CA ASP A 280 20.31 -11.18 18.14
C ASP A 280 20.54 -10.03 19.07
N ARG A 281 20.96 -8.90 18.53
CA ARG A 281 21.01 -7.64 19.29
C ARG A 281 19.66 -6.93 19.12
N ILE A 282 18.97 -6.71 20.24
CA ILE A 282 17.62 -6.14 20.20
C ILE A 282 17.67 -4.71 20.69
N TYR A 283 17.37 -3.79 19.78
CA TYR A 283 17.35 -2.39 20.12
C TYR A 283 16.24 -2.01 21.03
N ALA A 284 15.07 -2.58 20.81
CA ALA A 284 13.86 -2.24 21.52
C ALA A 284 12.83 -3.29 21.11
N VAL A 285 11.70 -3.30 21.80
CA VAL A 285 10.64 -4.23 21.54
C VAL A 285 9.38 -3.46 21.23
N ILE A 286 8.69 -3.86 20.16
CA ILE A 286 7.38 -3.31 19.87
C ILE A 286 6.30 -4.17 20.53
N LYS A 287 5.54 -3.54 21.41
CA LYS A 287 4.50 -4.17 22.18
C LYS A 287 3.11 -4.05 21.60
N GLY A 288 2.86 -3.02 20.80
CA GLY A 288 1.56 -2.85 20.19
C GLY A 288 1.65 -1.88 19.04
N SER A 289 0.77 -2.08 18.04
CA SER A 289 0.56 -1.08 16.97
C SER A 289 -0.94 -1.06 16.65
N ALA A 290 -1.43 0.09 16.21
CA ALA A 290 -2.82 0.22 15.83
C ALA A 290 -2.93 1.31 14.76
N ILE A 291 -3.88 1.12 13.84
CA ILE A 291 -4.11 2.10 12.79
C ILE A 291 -5.66 2.33 12.77
N ASN A 292 -6.07 3.46 12.29
CA ASN A 292 -7.50 3.80 12.11
C ASN A 292 -7.64 4.94 11.11
N HIS A 293 -8.84 5.42 10.94
CA HIS A 293 -9.07 6.57 10.14
C HIS A 293 -9.98 7.51 10.89
N VAL A 294 -9.86 8.81 10.59
CA VAL A 294 -10.68 9.85 11.20
C VAL A 294 -12.19 9.80 10.92
N GLY A 295 -12.57 9.18 9.83
CA GLY A 295 -13.95 9.21 9.31
C GLY A 295 -14.38 10.60 8.89
N LYS A 296 -15.61 11.02 9.23
CA LYS A 296 -16.13 12.24 8.68
C LYS A 296 -15.69 13.35 9.65
N VAL A 297 -14.90 14.28 9.18
CA VAL A 297 -14.47 15.45 10.00
C VAL A 297 -14.80 16.59 9.09
N SER A 298 -14.58 17.80 9.56
CA SER A 298 -15.08 18.97 8.81
C SER A 298 -14.49 19.14 7.45
N GLY A 299 -13.29 18.59 7.22
CA GLY A 299 -12.66 18.68 5.90
C GLY A 299 -11.67 17.51 5.92
N ILE A 300 -11.39 16.97 4.76
CA ILE A 300 -10.58 15.76 4.71
C ILE A 300 -9.21 15.90 5.31
N THR A 301 -8.66 17.11 5.33
CA THR A 301 -7.36 17.31 5.93
C THR A 301 -7.35 17.87 7.36
N VAL A 302 -8.48 17.83 8.03
CA VAL A 302 -8.55 18.28 9.38
C VAL A 302 -8.33 17.08 10.30
N PRO A 303 -7.38 17.18 11.24
CA PRO A 303 -7.15 16.05 12.14
C PRO A 303 -8.20 15.90 13.20
N SER A 304 -8.36 14.72 13.78
CA SER A 304 -9.42 14.48 14.74
C SER A 304 -8.85 14.04 16.07
N PRO A 305 -9.12 14.82 17.13
CA PRO A 305 -8.64 14.39 18.45
C PRO A 305 -9.28 13.09 18.89
N ALA A 306 -10.56 12.89 18.59
CA ALA A 306 -11.26 11.68 19.00
C ALA A 306 -10.59 10.48 18.34
N ALA A 307 -10.33 10.62 17.05
CA ALA A 307 -9.77 9.43 16.32
C ALA A 307 -8.30 9.17 16.76
N GLN A 308 -7.56 10.21 17.06
CA GLN A 308 -6.20 10.06 17.57
C GLN A 308 -6.25 9.37 18.93
N ALA A 309 -7.14 9.85 19.83
CA ALA A 309 -7.30 9.21 21.14
C ALA A 309 -7.69 7.72 20.99
N GLU A 310 -8.55 7.35 20.05
CA GLU A 310 -8.99 6.00 19.84
C GLU A 310 -7.83 5.13 19.35
N VAL A 311 -6.97 5.64 18.48
CA VAL A 311 -5.87 4.81 18.01
C VAL A 311 -4.83 4.60 19.08
N ILE A 312 -4.56 5.64 19.87
CA ILE A 312 -3.68 5.53 21.02
C ILE A 312 -4.24 4.50 22.03
N LYS A 313 -5.52 4.61 22.41
CA LYS A 313 -6.13 3.65 23.37
C LYS A 313 -6.09 2.25 22.85
N ALA A 314 -6.31 2.08 21.54
CA ALA A 314 -6.34 0.74 20.95
C ALA A 314 -4.96 0.11 21.03
N CYS A 315 -3.95 0.93 20.76
CA CYS A 315 -2.58 0.44 20.84
C CYS A 315 -2.16 0.11 22.30
N LEU A 316 -2.56 0.95 23.28
CA LEU A 316 -2.24 0.71 24.69
C LEU A 316 -2.91 -0.59 25.16
N LYS A 317 -4.15 -0.78 24.77
CA LYS A 317 -4.84 -2.02 25.06
C LYS A 317 -4.19 -3.25 24.39
N LYS A 318 -3.78 -3.15 23.15
CA LYS A 318 -3.01 -4.26 22.54
C LYS A 318 -1.68 -4.53 23.28
N ALA A 319 -1.00 -3.49 23.73
CA ALA A 319 0.26 -3.64 24.40
C ALA A 319 0.09 -4.16 25.80
N GLY A 320 -1.15 -4.07 26.31
CA GLY A 320 -1.47 -4.42 27.68
C GLY A 320 -0.94 -3.49 28.74
N ILE A 321 -0.70 -2.22 28.42
CA ILE A 321 -0.12 -1.33 29.45
C ILE A 321 -0.96 -0.10 29.72
N SER A 322 -0.79 0.42 30.93
CA SER A 322 -1.40 1.64 31.35
C SER A 322 -0.58 2.86 30.80
N PRO A 323 -1.26 3.91 30.37
CA PRO A 323 -0.60 5.10 29.88
C PRO A 323 0.25 5.76 30.96
N ARG A 324 -0.04 5.49 32.24
CA ARG A 324 0.86 6.11 33.27
C ARG A 324 2.28 5.60 33.14
N THR A 325 2.46 4.41 32.52
CA THR A 325 3.79 3.84 32.41
C THR A 325 4.55 4.22 31.16
N VAL A 326 3.97 5.11 30.35
CA VAL A 326 4.66 5.63 29.20
C VAL A 326 5.40 6.90 29.61
N SER A 327 6.72 6.91 29.43
CA SER A 327 7.50 8.07 29.92
C SER A 327 8.07 8.95 28.83
N TYR A 328 7.90 8.55 27.57
CA TYR A 328 8.21 9.40 26.43
C TYR A 328 7.16 9.14 25.32
N VAL A 329 6.82 10.19 24.62
CA VAL A 329 6.02 10.07 23.40
C VAL A 329 6.67 10.78 22.23
N GLU A 330 6.89 10.04 21.11
CA GLU A 330 7.41 10.65 19.88
C GLU A 330 6.17 11.10 19.12
N ALA A 331 5.91 12.39 19.20
CA ALA A 331 4.69 12.98 18.64
C ALA A 331 4.85 13.10 17.11
N HIS A 332 3.71 13.14 16.47
CA HIS A 332 3.63 13.50 15.04
C HIS A 332 4.27 14.86 14.89
N GLY A 333 3.77 15.81 15.62
CA GLY A 333 4.54 17.02 15.90
C GLY A 333 4.95 17.94 14.75
N THR A 334 4.08 18.16 13.80
CA THR A 334 4.48 18.93 12.62
C THR A 334 4.65 20.45 12.80
N GLY A 335 4.17 21.01 13.90
CA GLY A 335 4.28 22.46 14.13
C GLY A 335 3.23 23.36 13.45
N THR A 336 2.05 22.81 13.21
CA THR A 336 0.98 23.57 12.63
C THR A 336 0.08 24.05 13.73
N SER A 337 -0.59 25.19 13.48
CA SER A 337 -1.38 25.82 14.52
C SER A 337 -2.60 25.07 14.88
N LEU A 338 -3.16 24.30 13.94
CA LEU A 338 -4.26 23.49 14.31
C LEU A 338 -3.86 22.09 14.81
N GLY A 339 -2.90 21.50 14.09
CA GLY A 339 -2.40 20.18 14.31
C GLY A 339 -1.85 19.97 15.71
N ASP A 340 -1.07 20.93 16.18
CA ASP A 340 -0.34 20.73 17.43
C ASP A 340 -1.30 20.65 18.62
N PRO A 341 -2.24 21.58 18.70
CA PRO A 341 -3.22 21.47 19.80
C PRO A 341 -4.10 20.25 19.72
N ILE A 342 -4.50 19.86 18.53
CA ILE A 342 -5.27 18.63 18.40
C ILE A 342 -4.51 17.42 18.87
N GLU A 343 -3.21 17.39 18.58
CA GLU A 343 -2.46 16.23 18.96
C GLU A 343 -2.39 16.11 20.50
N ILE A 344 -2.09 17.21 21.15
CA ILE A 344 -2.09 17.22 22.58
C ILE A 344 -3.44 16.87 23.18
N GLU A 345 -4.53 17.31 22.54
CA GLU A 345 -5.86 17.00 23.00
C GLU A 345 -6.14 15.52 22.86
N GLY A 346 -5.79 14.90 21.73
CA GLY A 346 -5.92 13.47 21.54
C GLY A 346 -5.11 12.66 22.56
N LEU A 347 -3.84 13.02 22.74
CA LEU A 347 -3.00 12.31 23.68
C LEU A 347 -3.51 12.47 25.10
N SER A 348 -3.88 13.70 25.46
CA SER A 348 -4.47 13.91 26.81
C SER A 348 -5.74 13.11 27.06
N LYS A 349 -6.62 13.07 26.10
CA LYS A 349 -7.79 12.30 26.26
C LYS A 349 -7.49 10.79 26.39
N ALA A 350 -6.59 10.28 25.56
CA ALA A 350 -6.26 8.88 25.66
C ALA A 350 -5.59 8.56 26.99
N PHE A 351 -4.66 9.40 27.45
CA PHE A 351 -3.96 9.10 28.65
C PHE A 351 -4.88 9.24 29.90
N SER A 352 -5.96 10.03 29.82
CA SER A 352 -6.75 10.37 30.99
C SER A 352 -7.59 9.24 31.60
N GLN A 353 -8.18 8.39 30.77
CA GLN A 353 -8.89 7.21 31.24
C GLN A 353 -7.93 6.60 32.27
N GLY A 354 -6.70 6.46 31.85
CA GLY A 354 -5.70 5.81 32.62
C GLY A 354 -5.23 6.48 33.88
N THR A 355 -5.11 7.79 33.91
CA THR A 355 -4.47 8.43 35.02
C THR A 355 -4.86 9.88 35.17
N GLN A 356 -4.63 10.44 36.33
CA GLN A 356 -4.84 11.85 36.50
C GLN A 356 -3.54 12.60 36.76
N ASP A 357 -2.40 11.89 36.88
CA ASP A 357 -1.12 12.58 37.19
C ASP A 357 -0.75 13.50 36.05
N GLN A 358 0.02 14.54 36.35
CA GLN A 358 0.40 15.51 35.38
C GLN A 358 1.88 15.60 35.14
N GLN A 359 2.23 15.87 33.88
CA GLN A 359 3.60 16.10 33.49
C GLN A 359 4.58 15.00 33.92
N PHE A 360 4.18 13.75 33.70
CA PHE A 360 5.05 12.63 33.98
C PHE A 360 5.72 12.06 32.71
N CYS A 361 5.27 12.52 31.55
CA CYS A 361 5.74 11.93 30.26
C CYS A 361 6.34 13.02 29.40
N SER A 362 7.57 12.81 28.98
CA SER A 362 8.28 13.71 28.08
C SER A 362 7.73 13.53 26.70
N ILE A 363 7.79 14.58 25.88
CA ILE A 363 7.33 14.51 24.51
C ILE A 363 8.21 15.35 23.60
N GLY A 364 8.28 14.97 22.34
CA GLY A 364 9.13 15.71 21.39
C GLY A 364 8.86 15.13 20.02
N SER A 365 9.57 15.63 19.03
CA SER A 365 9.49 15.10 17.67
C SER A 365 10.75 15.35 16.92
N VAL A 366 11.16 14.30 16.24
CA VAL A 366 12.28 14.35 15.29
C VAL A 366 12.05 15.35 14.13
N LYS A 367 10.81 15.74 13.89
CA LYS A 367 10.53 16.73 12.85
C LYS A 367 11.12 18.08 13.20
N SER A 368 11.35 18.29 14.48
CA SER A 368 11.97 19.53 14.90
C SER A 368 13.43 19.56 14.46
N ASN A 369 14.04 18.38 14.21
CA ASN A 369 15.39 18.26 13.78
C ASN A 369 15.56 18.24 12.25
N ILE A 370 14.78 17.37 11.61
CA ILE A 370 15.02 17.02 10.20
C ILE A 370 13.91 17.38 9.28
N GLY A 371 12.85 17.99 9.81
CA GLY A 371 11.61 18.26 9.07
C GLY A 371 10.69 17.04 8.96
N HIS A 372 9.62 17.25 8.24
CA HIS A 372 8.54 16.27 8.07
C HIS A 372 8.91 15.40 6.90
N ALA A 373 9.40 14.20 7.17
CA ALA A 373 9.92 13.32 6.13
C ALA A 373 8.79 12.60 5.37
N GLU A 374 7.58 13.04 5.57
CA GLU A 374 6.46 12.62 4.76
C GLU A 374 6.30 11.09 4.83
N SER A 375 6.40 10.36 3.74
CA SER A 375 6.32 8.91 3.84
C SER A 375 7.37 8.29 4.78
N ALA A 376 8.48 8.98 4.95
CA ALA A 376 9.51 8.51 5.83
C ALA A 376 9.44 9.12 7.26
N ALA A 377 8.37 9.87 7.57
CA ALA A 377 8.24 10.45 8.85
C ALA A 377 8.10 9.36 9.97
N GLY A 378 7.30 8.34 9.73
CA GLY A 378 7.12 7.24 10.72
C GLY A 378 8.44 6.54 10.96
N ILE A 379 9.20 6.20 9.91
CA ILE A 379 10.43 5.47 10.12
C ILE A 379 11.50 6.31 10.83
N SER A 380 11.58 7.57 10.52
CA SER A 380 12.53 8.42 11.25
C SER A 380 12.17 8.56 12.75
N GLY A 381 10.87 8.74 13.04
CA GLY A 381 10.40 8.77 14.37
C GLY A 381 10.60 7.46 15.12
N LEU A 382 10.37 6.34 14.45
CA LEU A 382 10.55 5.05 15.12
C LEU A 382 12.05 4.81 15.39
N THR A 383 12.87 5.21 14.45
CA THR A 383 14.30 5.03 14.61
C THR A 383 14.79 5.88 15.85
N LYS A 384 14.35 7.12 15.92
CA LYS A 384 14.69 7.98 17.07
C LYS A 384 14.20 7.30 18.35
N ALA A 385 12.96 6.84 18.35
CA ALA A 385 12.42 6.27 19.60
C ALA A 385 13.14 5.02 20.07
N ALA A 386 13.44 4.12 19.14
CA ALA A 386 14.25 2.92 19.39
C ALA A 386 15.66 3.32 19.89
N LEU A 387 16.30 4.29 19.24
CA LEU A 387 17.61 4.72 19.74
C LEU A 387 17.59 5.26 21.21
N GLN A 388 16.60 6.07 21.52
CA GLN A 388 16.46 6.61 22.85
C GLN A 388 16.34 5.47 23.88
N LEU A 389 15.54 4.48 23.57
CA LEU A 389 15.36 3.33 24.39
C LEU A 389 16.68 2.58 24.53
N HIS A 390 17.28 2.23 23.42
CA HIS A 390 18.55 1.44 23.43
C HIS A 390 19.67 2.17 24.21
N HIS A 391 19.79 3.48 23.97
CA HIS A 391 20.82 4.27 24.63
C HIS A 391 20.36 4.87 26.00
N LYS A 392 19.14 4.66 26.41
CA LYS A 392 18.57 5.27 27.64
C LYS A 392 18.81 6.76 27.75
N THR A 393 18.50 7.45 26.69
CA THR A 393 18.76 8.87 26.54
C THR A 393 17.57 9.50 25.91
N LEU A 394 17.10 10.63 26.48
CA LEU A 394 16.07 11.43 25.84
C LEU A 394 16.69 12.65 25.20
N VAL A 395 16.44 12.88 23.91
CA VAL A 395 17.06 14.05 23.27
C VAL A 395 16.17 15.30 23.20
N LYS A 396 16.82 16.45 23.02
CA LYS A 396 16.14 17.69 22.88
C LYS A 396 15.17 17.69 21.69
N SER A 397 14.03 18.33 21.89
CA SER A 397 13.09 18.65 20.88
C SER A 397 13.31 20.14 20.60
N LEU A 398 13.56 20.50 19.33
CA LEU A 398 13.83 21.92 18.97
C LEU A 398 12.65 22.87 18.82
N HIS A 399 12.96 24.19 18.81
CA HIS A 399 12.03 25.27 18.49
C HIS A 399 10.85 25.46 19.42
N SER A 400 10.95 24.94 20.65
CA SER A 400 9.89 25.13 21.63
C SER A 400 10.38 25.80 22.92
N ALA A 401 11.51 26.47 22.86
CA ALA A 401 12.02 27.23 24.05
C ALA A 401 10.91 28.19 24.48
N GLU A 402 10.27 28.84 23.50
CA GLU A 402 8.93 29.39 23.68
C GLU A 402 7.81 28.42 23.28
N LEU A 403 7.02 27.97 24.24
CA LEU A 403 5.94 27.04 23.96
C LEU A 403 4.77 27.65 23.25
N ASN A 404 4.07 26.82 22.49
CA ASN A 404 2.85 27.22 21.92
C ASN A 404 1.95 27.58 23.09
N PRO A 405 1.55 28.87 23.18
CA PRO A 405 0.78 29.35 24.33
C PRO A 405 -0.60 28.74 24.48
N TYR A 406 -1.18 28.14 23.44
CA TYR A 406 -2.48 27.53 23.57
C TYR A 406 -2.43 26.16 24.17
N LEU A 407 -1.27 25.54 24.26
CA LEU A 407 -1.24 24.13 24.69
C LEU A 407 -1.49 23.75 26.19
N LYS A 408 -1.04 24.50 27.14
CA LYS A 408 -1.37 24.10 28.57
C LYS A 408 -0.84 22.75 29.05
N PHE A 409 0.46 22.60 28.87
CA PHE A 409 1.11 21.39 29.28
C PHE A 409 0.90 21.07 30.77
N GLU A 410 0.74 22.11 31.59
CA GLU A 410 0.59 21.95 33.05
C GLU A 410 -0.59 21.15 33.43
N GLU A 411 -1.60 21.15 32.61
CA GLU A 411 -2.81 20.41 32.90
C GLU A 411 -2.85 19.11 32.16
N SER A 412 -1.69 18.62 31.71
CA SER A 412 -1.64 17.48 30.82
C SER A 412 -0.64 16.50 31.38
N PRO A 413 -0.57 15.32 30.80
CA PRO A 413 0.46 14.35 31.13
C PRO A 413 1.88 14.72 30.77
N PHE A 414 2.08 15.77 29.98
CA PHE A 414 3.28 15.92 29.23
C PHE A 414 4.09 17.17 29.53
N TYR A 415 5.39 17.07 29.31
CA TYR A 415 6.27 18.22 29.21
C TYR A 415 7.19 17.98 28.00
N VAL A 416 7.56 19.05 27.31
CA VAL A 416 8.41 18.94 26.17
C VAL A 416 9.84 18.77 26.58
N GLN A 417 10.52 17.80 26.02
CA GLN A 417 11.96 17.61 26.28
C GLN A 417 12.83 18.74 25.69
N GLN A 418 13.46 19.56 26.58
CA GLN A 418 14.17 20.78 26.14
C GLN A 418 15.71 20.54 26.14
N GLN A 419 16.23 19.45 26.71
CA GLN A 419 17.68 19.17 26.68
C GLN A 419 17.89 17.71 26.52
N THR A 420 19.04 17.31 26.03
CA THR A 420 19.36 15.92 25.95
C THR A 420 19.81 15.47 27.31
N ALA A 421 19.25 14.42 27.84
CA ALA A 421 19.63 13.95 29.14
C ALA A 421 19.37 12.46 29.30
N PRO A 422 20.00 11.81 30.31
CA PRO A 422 19.65 10.44 30.65
C PRO A 422 18.15 10.24 30.86
N TRP A 423 17.65 9.10 30.39
CA TRP A 423 16.29 8.73 30.57
C TRP A 423 16.22 8.03 31.91
N LYS A 424 15.65 8.69 32.92
CA LYS A 424 15.64 8.15 34.27
C LYS A 424 14.81 6.89 34.39
N GLN A 425 15.27 6.02 35.24
CA GLN A 425 14.57 4.74 35.51
C GLN A 425 13.17 5.06 35.95
N PRO A 426 12.15 4.61 35.22
CA PRO A 426 10.80 4.89 35.67
C PRO A 426 10.47 4.06 36.96
N SER A 427 9.66 4.60 37.87
CA SER A 427 9.33 3.91 39.16
C SER A 427 7.91 4.10 39.59
N HIS A 436 9.60 -0.09 40.34
CA HIS A 436 10.49 -0.02 39.14
C HIS A 436 9.67 -0.57 37.95
N TYR A 437 9.71 0.09 36.77
CA TYR A 437 9.12 -0.52 35.52
C TYR A 437 9.92 -0.02 34.27
N PRO A 438 9.77 -0.70 33.13
CA PRO A 438 10.57 -0.39 32.00
C PRO A 438 10.31 0.98 31.40
N ARG A 439 11.31 1.50 30.70
CA ARG A 439 11.15 2.65 29.84
C ARG A 439 10.26 2.24 28.63
N ARG A 440 9.18 2.98 28.41
CA ARG A 440 8.21 2.74 27.39
C ARG A 440 7.99 4.06 26.65
N ALA A 441 7.86 3.96 25.33
CA ALA A 441 7.60 5.14 24.52
C ALA A 441 6.40 4.91 23.64
N GLY A 442 5.57 5.91 23.47
CA GLY A 442 4.55 5.89 22.41
C GLY A 442 5.07 6.60 21.15
N LEU A 443 4.54 6.27 19.97
CA LEU A 443 4.99 6.88 18.74
C LEU A 443 3.77 7.11 17.81
N SER A 444 3.55 8.34 17.30
CA SER A 444 2.34 8.67 16.53
C SER A 444 2.67 9.18 15.19
N SER A 445 1.82 8.84 14.21
CA SER A 445 1.96 9.38 12.87
C SER A 445 0.58 9.49 12.28
N PHE A 446 0.21 10.74 11.90
CA PHE A 446 -1.15 11.06 11.45
C PHE A 446 -1.16 11.56 9.99
N GLY A 447 -1.74 10.76 9.08
CA GLY A 447 -1.78 11.18 7.69
C GLY A 447 -2.67 12.35 7.44
N ALA A 448 -2.27 13.17 6.48
CA ALA A 448 -2.96 14.43 6.22
C ALA A 448 -4.39 14.18 5.86
N SER A 449 -4.69 13.07 5.18
CA SER A 449 -6.05 12.80 4.79
C SER A 449 -6.72 11.72 5.65
N GLY A 450 -6.24 11.58 6.88
CA GLY A 450 -6.94 10.86 7.89
C GLY A 450 -6.54 9.53 8.45
N SER A 451 -5.48 8.89 7.90
CA SER A 451 -5.08 7.59 8.36
C SER A 451 -4.10 7.77 9.50
N ASN A 452 -4.48 7.29 10.67
CA ASN A 452 -3.69 7.45 11.88
C ASN A 452 -2.93 6.15 12.23
N ALA A 453 -1.85 6.26 13.00
CA ALA A 453 -1.08 5.14 13.48
C ALA A 453 -0.49 5.49 14.84
N HIS A 454 -0.47 4.54 15.76
CA HIS A 454 0.32 4.64 17.00
C HIS A 454 0.96 3.32 17.31
N ILE A 455 2.21 3.38 17.76
CA ILE A 455 2.97 2.24 18.15
C ILE A 455 3.54 2.46 19.57
N ILE A 456 3.54 1.43 20.39
CA ILE A 456 4.20 1.45 21.73
C ILE A 456 5.41 0.51 21.75
N LEU A 457 6.54 1.05 22.17
CA LEU A 457 7.83 0.40 22.21
C LEU A 457 8.31 0.34 23.71
N GLU A 458 9.11 -0.66 24.03
CA GLU A 458 9.64 -0.85 25.37
C GLU A 458 11.11 -1.12 25.22
N GLU A 459 11.88 -0.70 26.21
CA GLU A 459 13.27 -1.09 26.19
C GLU A 459 13.49 -2.60 26.35
N TYR A 460 14.57 -3.09 25.80
CA TYR A 460 14.87 -4.48 25.89
C TYR A 460 15.82 -4.62 27.06
N ILE A 461 15.53 -5.50 28.00
CA ILE A 461 16.47 -5.69 29.12
C ILE A 461 16.99 -7.13 29.03
N LYS A 476 42.21 -13.24 16.81
CA LYS A 476 40.99 -13.50 16.01
C LYS A 476 41.13 -13.17 14.52
N LEU A 477 40.25 -13.75 13.75
CA LEU A 477 40.28 -13.61 12.31
C LEU A 477 39.20 -12.61 11.81
N ILE A 478 39.62 -11.62 11.02
CA ILE A 478 38.77 -10.57 10.45
C ILE A 478 38.75 -10.67 8.93
N PRO A 479 37.76 -11.42 8.37
CA PRO A 479 37.69 -11.66 6.99
C PRO A 479 36.87 -10.59 6.27
N LEU A 480 37.53 -9.56 5.76
CA LEU A 480 36.90 -8.43 5.09
C LEU A 480 36.82 -8.70 3.60
N SER A 481 35.73 -8.32 2.95
CA SER A 481 35.55 -8.49 1.54
C SER A 481 34.70 -7.44 0.92
N ALA A 482 34.98 -7.14 -0.32
CA ALA A 482 34.12 -6.27 -1.07
C ALA A 482 34.13 -6.68 -2.53
N ARG A 483 33.39 -5.96 -3.36
CA ARG A 483 33.17 -6.32 -4.78
C ARG A 483 34.45 -6.16 -5.57
N ASN A 484 35.28 -5.20 -5.21
CA ASN A 484 36.53 -4.95 -5.88
C ASN A 484 37.54 -4.28 -4.89
N LYS A 485 38.73 -3.97 -5.40
CA LYS A 485 39.81 -3.49 -4.52
C LYS A 485 39.54 -2.09 -3.99
N ASP A 486 39.09 -1.20 -4.86
CA ASP A 486 38.72 0.12 -4.40
C ASP A 486 37.71 0.10 -3.24
N ARG A 487 36.67 -0.71 -3.39
CA ARG A 487 35.64 -0.82 -2.30
C ARG A 487 36.25 -1.50 -1.05
N LEU A 488 37.18 -2.46 -1.25
CA LEU A 488 37.80 -3.11 -0.11
C LEU A 488 38.67 -2.12 0.68
N LEU A 489 39.39 -1.25 -0.01
CA LEU A 489 40.20 -0.19 0.69
C LEU A 489 39.32 0.73 1.48
N ALA A 490 38.22 1.18 0.86
CA ALA A 490 37.20 2.00 1.55
C ALA A 490 36.61 1.28 2.79
N TYR A 491 36.32 0.00 2.65
CA TYR A 491 35.84 -0.79 3.76
C TYR A 491 36.84 -0.82 4.89
N ALA A 492 38.10 -1.04 4.56
CA ALA A 492 39.10 -1.10 5.61
C ALA A 492 39.23 0.25 6.30
N GLU A 493 39.14 1.34 5.57
CA GLU A 493 39.21 2.67 6.18
C GLU A 493 38.00 3.01 7.06
N LYS A 494 36.82 2.65 6.58
CA LYS A 494 35.62 2.79 7.38
C LYS A 494 35.63 1.91 8.63
N LEU A 495 36.14 0.71 8.49
CA LEU A 495 36.23 -0.14 9.67
C LEU A 495 37.22 0.44 10.71
N ALA A 496 38.36 0.89 10.21
CA ALA A 496 39.42 1.44 11.12
C ALA A 496 38.92 2.60 11.90
N ARG A 497 38.23 3.51 11.24
CA ARG A 497 37.67 4.66 11.90
C ARG A 497 36.67 4.29 12.97
N SER A 498 35.95 3.17 12.85
CA SER A 498 34.95 2.84 13.89
C SER A 498 35.56 2.21 15.14
N LEU A 499 36.84 1.86 15.10
CA LEU A 499 37.47 1.13 16.20
C LEU A 499 37.85 2.09 17.34
N SER A 500 37.59 1.71 18.56
CA SER A 500 37.91 2.53 19.76
C SER A 500 38.16 1.54 20.86
N GLU A 501 38.37 2.03 22.09
CA GLU A 501 38.62 1.11 23.22
C GLU A 501 37.29 0.41 23.65
N LYS A 502 36.16 0.88 23.14
CA LYS A 502 34.90 0.24 23.43
C LYS A 502 34.63 -0.98 22.54
N THR A 503 35.34 -1.17 21.45
CA THR A 503 35.02 -2.28 20.61
C THR A 503 35.59 -3.59 21.13
N VAL A 504 34.82 -4.67 21.02
CA VAL A 504 35.30 -5.95 21.46
C VAL A 504 35.61 -6.92 20.31
N LEU A 505 36.87 -7.26 20.18
CA LEU A 505 37.30 -8.10 19.07
C LEU A 505 36.49 -9.35 18.85
N SER A 506 36.14 -10.09 19.89
CA SER A 506 35.45 -11.36 19.60
C SER A 506 34.08 -11.08 18.94
N GLU A 507 33.43 -9.97 19.31
CA GLU A 507 32.08 -9.64 18.76
C GLU A 507 32.23 -9.14 17.30
N LEU A 508 33.22 -8.29 17.09
CA LEU A 508 33.57 -7.81 15.77
C LEU A 508 33.89 -8.91 14.78
N ALA A 509 34.79 -9.80 15.15
CA ALA A 509 35.09 -10.94 14.33
C ALA A 509 33.91 -11.86 14.08
N TYR A 510 33.11 -12.17 15.09
CA TYR A 510 31.93 -13.00 14.87
C TYR A 510 31.01 -12.36 13.80
N THR A 511 30.80 -11.08 13.95
CA THR A 511 29.84 -10.38 13.08
C THR A 511 30.38 -10.29 11.62
N ILE A 512 31.68 -9.98 11.45
CA ILE A 512 32.22 -9.97 10.09
C ILE A 512 32.27 -11.34 9.43
N GLN A 513 32.57 -12.35 10.23
CA GLN A 513 32.57 -13.70 9.77
C GLN A 513 31.21 -14.22 9.34
N THR A 514 30.21 -14.05 10.20
CA THR A 514 28.87 -14.69 9.95
C THR A 514 27.78 -13.72 9.48
N GLY A 515 28.02 -12.43 9.59
CA GLY A 515 27.00 -11.44 9.26
C GLY A 515 27.38 -10.55 8.09
N ARG A 516 28.39 -10.94 7.31
CA ARG A 516 28.72 -10.26 6.05
C ARG A 516 28.89 -11.28 4.96
N GLU A 517 28.49 -10.92 3.73
CA GLU A 517 28.69 -11.86 2.65
C GLU A 517 30.21 -11.95 2.31
N ALA A 518 30.65 -13.12 1.81
CA ALA A 518 32.05 -13.33 1.43
C ALA A 518 32.15 -12.89 -0.01
N MET A 519 32.59 -11.68 -0.30
CA MET A 519 32.59 -11.15 -1.63
C MET A 519 33.92 -11.41 -2.37
N GLU A 520 34.01 -10.83 -3.56
CA GLU A 520 35.05 -11.14 -4.56
C GLU A 520 36.47 -10.83 -4.14
N GLU A 521 36.71 -9.64 -3.60
CA GLU A 521 38.04 -9.19 -3.22
C GLU A 521 38.16 -9.34 -1.75
N ARG A 522 39.18 -10.07 -1.32
CA ARG A 522 39.28 -10.45 0.08
C ARG A 522 40.56 -10.05 0.76
N ALA A 523 40.44 -9.70 2.01
CA ALA A 523 41.55 -9.44 2.88
C ALA A 523 41.23 -9.95 4.26
N VAL A 524 41.90 -11.00 4.68
CA VAL A 524 41.72 -11.51 6.00
C VAL A 524 42.88 -11.18 6.88
N PHE A 525 42.60 -10.59 8.03
CA PHE A 525 43.60 -10.25 9.04
C PHE A 525 43.51 -11.14 10.28
N LEU A 526 44.66 -11.58 10.76
CA LEU A 526 44.84 -12.33 11.99
C LEU A 526 45.47 -11.40 12.98
N VAL A 527 44.75 -11.12 14.05
CA VAL A 527 44.99 -10.00 14.89
C VAL A 527 44.88 -10.37 16.37
N ASN A 528 45.73 -9.77 17.19
CA ASN A 528 45.84 -10.08 18.62
C ASN A 528 44.89 -9.26 19.45
N ASP A 529 44.57 -8.08 18.98
CA ASP A 529 43.69 -7.12 19.65
C ASP A 529 43.32 -5.99 18.68
N ILE A 530 42.50 -5.07 19.16
CA ILE A 530 41.99 -3.99 18.36
C ILE A 530 43.09 -3.06 17.90
N ARG A 531 44.06 -2.79 18.75
CA ARG A 531 45.16 -1.93 18.34
C ARG A 531 45.94 -2.57 17.15
N ASP A 532 46.16 -3.89 17.22
CA ASP A 532 46.84 -4.63 16.16
C ASP A 532 45.97 -4.55 14.91
N LEU A 533 44.66 -4.67 15.09
CA LEU A 533 43.80 -4.57 13.91
C LEU A 533 43.89 -3.23 13.24
N LYS A 534 43.81 -2.20 14.04
CA LYS A 534 43.81 -0.85 13.54
C LYS A 534 45.10 -0.54 12.77
N GLN A 535 46.23 -1.02 13.27
CA GLN A 535 47.53 -0.79 12.61
C GLN A 535 47.54 -1.46 11.25
N LYS A 536 47.10 -2.72 11.21
CA LYS A 536 47.05 -3.44 9.95
C LYS A 536 46.15 -2.80 8.90
N LEU A 537 44.97 -2.31 9.33
CA LEU A 537 44.01 -1.76 8.36
C LEU A 537 44.60 -0.48 7.80
N ASN A 538 45.20 0.32 8.67
CA ASN A 538 45.88 1.56 8.23
C ASN A 538 47.03 1.28 7.26
N ASP A 539 47.82 0.26 7.54
CA ASP A 539 48.87 -0.11 6.56
C ASP A 539 48.28 -0.59 5.24
N PHE A 540 47.15 -1.31 5.32
CA PHE A 540 46.51 -1.79 4.08
C PHE A 540 46.02 -0.57 3.30
N VAL A 541 45.39 0.32 4.02
CA VAL A 541 44.78 1.49 3.39
C VAL A 541 45.82 2.40 2.75
N LYS A 542 47.01 2.48 3.35
CA LYS A 542 47.99 3.38 2.76
C LYS A 542 48.70 2.66 1.60
N GLY A 543 48.32 1.43 1.29
CA GLY A 543 48.74 0.79 0.09
C GLY A 543 49.89 -0.21 0.21
N ASN A 544 50.23 -0.63 1.43
CA ASN A 544 51.10 -1.76 1.60
C ASN A 544 50.41 -3.02 1.05
N GLU A 545 51.10 -3.73 0.19
CA GLU A 545 50.55 -4.97 -0.40
C GLU A 545 50.86 -6.16 0.45
N ASN A 546 51.94 -6.09 1.23
CA ASN A 546 52.30 -7.25 2.06
C ASN A 546 52.50 -6.85 3.45
N ILE A 547 51.75 -7.53 4.35
CA ILE A 547 51.61 -7.11 5.71
C ILE A 547 51.57 -8.40 6.53
N PRO A 548 52.30 -8.45 7.65
CA PRO A 548 52.21 -9.71 8.41
C PRO A 548 50.81 -9.90 8.95
N GLY A 549 50.34 -11.12 8.84
CA GLY A 549 49.01 -11.50 9.28
C GLY A 549 47.86 -11.01 8.40
N LEU A 550 48.13 -10.77 7.11
CA LEU A 550 47.15 -10.42 6.11
C LEU A 550 47.31 -11.35 4.99
N TRP A 551 46.22 -12.00 4.59
CA TRP A 551 46.17 -12.78 3.36
C TRP A 551 45.15 -12.12 2.47
N ARG A 552 45.48 -12.03 1.19
CA ARG A 552 44.66 -11.37 0.21
C ARG A 552 44.30 -12.34 -0.85
N GLY A 553 43.19 -12.15 -1.52
CA GLY A 553 42.94 -12.94 -2.74
C GLY A 553 41.63 -12.52 -3.36
N GLN A 554 41.24 -13.24 -4.41
CA GLN A 554 39.98 -13.09 -5.12
C GLN A 554 39.17 -14.36 -5.02
N ASP A 569 42.60 -24.47 12.69
CA ASP A 569 43.78 -23.63 12.57
C ASP A 569 43.60 -22.29 11.78
N SER A 570 43.70 -21.23 12.53
CA SER A 570 43.60 -19.89 12.04
C SER A 570 44.34 -19.62 10.75
N ILE A 571 45.62 -19.91 10.70
CA ILE A 571 46.38 -19.59 9.50
C ILE A 571 45.82 -20.30 8.26
N ARG A 572 45.48 -21.58 8.37
CA ARG A 572 45.05 -22.31 7.20
C ARG A 572 43.67 -21.87 6.79
N LEU A 573 42.83 -21.63 7.78
CA LEU A 573 41.49 -21.04 7.48
C LEU A 573 41.65 -19.76 6.68
N ALA A 574 42.49 -18.86 7.15
CA ALA A 574 42.75 -17.61 6.45
C ALA A 574 43.21 -17.82 5.04
N GLU A 575 44.20 -18.70 4.89
CA GLU A 575 44.73 -19.02 3.57
C GLU A 575 43.62 -19.49 2.65
N LEU A 576 42.81 -20.40 3.15
CA LEU A 576 41.75 -21.00 2.34
C LEU A 576 40.73 -19.96 1.90
N TRP A 577 40.31 -19.18 2.88
CA TRP A 577 39.32 -18.11 2.61
C TRP A 577 39.87 -17.13 1.57
N ALA A 578 41.14 -16.75 1.70
CA ALA A 578 41.70 -15.75 0.76
C ALA A 578 41.77 -16.27 -0.64
N GLU A 579 41.97 -17.59 -0.75
CA GLU A 579 42.02 -18.26 -2.04
C GLU A 579 40.65 -18.36 -2.66
N GLY A 580 39.56 -18.19 -1.91
CA GLY A 580 38.22 -18.24 -2.51
C GLY A 580 37.33 -19.34 -1.98
N LYS A 581 37.86 -20.18 -1.10
CA LYS A 581 37.01 -21.21 -0.50
C LYS A 581 36.01 -20.55 0.40
N THR A 582 34.91 -21.22 0.62
CA THR A 582 34.00 -20.66 1.58
C THR A 582 34.27 -21.39 2.87
N VAL A 583 34.29 -20.69 3.99
CA VAL A 583 34.55 -21.27 5.28
C VAL A 583 33.30 -21.15 6.15
N ASP A 584 32.88 -22.23 6.81
CA ASP A 584 31.76 -22.17 7.74
C ASP A 584 32.25 -21.71 9.12
N TRP A 585 32.38 -20.41 9.29
CA TRP A 585 32.89 -19.84 10.52
C TRP A 585 32.12 -20.27 11.77
N ASN A 586 30.84 -20.63 11.62
CA ASN A 586 30.06 -21.02 12.80
C ASN A 586 30.62 -22.21 13.53
N LYS A 587 31.21 -23.12 12.76
CA LYS A 587 31.77 -24.35 13.32
C LYS A 587 32.74 -24.00 14.45
N LEU A 588 33.38 -22.85 14.38
CA LEU A 588 34.35 -22.47 15.39
C LEU A 588 33.77 -22.06 16.73
N TYR A 589 32.46 -22.03 16.87
CA TYR A 589 31.86 -21.48 18.06
C TYR A 589 31.08 -22.57 18.83
N LYS A 593 28.15 -18.35 21.22
CA LYS A 593 28.29 -17.30 20.19
C LYS A 593 28.49 -15.99 20.88
N PRO A 594 29.47 -15.20 20.44
CA PRO A 594 29.45 -13.78 20.85
C PRO A 594 28.10 -13.10 20.47
N ARG A 595 27.73 -12.04 21.17
CA ARG A 595 26.48 -11.33 20.79
C ARG A 595 26.75 -10.54 19.48
N LYS A 596 25.70 -10.26 18.76
CA LYS A 596 25.85 -9.55 17.53
C LYS A 596 25.98 -8.13 17.92
N THR A 597 26.73 -7.32 17.18
CA THR A 597 26.78 -5.88 17.38
C THR A 597 26.77 -5.18 16.04
N SER A 598 26.58 -3.88 16.05
CA SER A 598 26.72 -3.04 14.87
C SER A 598 28.22 -2.88 14.52
N VAL A 599 28.54 -3.22 13.29
CA VAL A 599 29.81 -3.07 12.63
C VAL A 599 29.52 -2.27 11.39
N PRO A 600 30.49 -1.45 10.93
CA PRO A 600 30.21 -0.73 9.70
C PRO A 600 29.74 -1.61 8.55
N THR A 601 28.87 -1.02 7.75
CA THR A 601 28.22 -1.70 6.65
C THR A 601 28.89 -1.37 5.36
N TYR A 602 28.52 -2.10 4.31
CA TYR A 602 29.16 -2.02 3.04
C TYR A 602 29.33 -0.59 2.53
N PRO A 603 30.55 -0.24 2.08
CA PRO A 603 30.82 1.13 1.59
C PRO A 603 30.41 1.25 0.16
N PHE A 604 29.11 1.44 -0.08
CA PHE A 604 28.60 1.57 -1.40
C PHE A 604 29.27 2.78 -2.12
N ALA A 605 29.64 2.59 -3.37
CA ALA A 605 30.16 3.67 -4.19
C ALA A 605 29.09 4.72 -4.39
N LYS A 606 29.48 5.98 -4.30
CA LYS A 606 28.62 7.12 -4.50
C LYS A 606 28.77 7.68 -5.90
N GLU A 607 28.21 6.99 -6.90
CA GLU A 607 28.25 7.43 -8.28
C GLU A 607 26.90 7.99 -8.62
N ARG A 608 26.90 9.06 -9.36
CA ARG A 608 25.71 9.78 -9.77
C ARG A 608 24.99 9.10 -10.94
N TYR A 609 23.68 8.89 -10.85
CA TYR A 609 22.88 8.44 -12.00
C TYR A 609 21.57 9.25 -12.11
N TRP A 610 21.29 9.77 -13.27
CA TRP A 610 20.12 10.56 -13.51
C TRP A 610 19.66 10.29 -14.95
N ILE A 611 18.47 10.71 -15.29
CA ILE A 611 17.94 10.55 -16.65
C ILE A 611 18.82 11.31 -17.68
N GLY B 24 -13.48 -18.20 9.52
CA GLY B 24 -12.42 -17.63 8.71
C GLY B 24 -12.88 -17.26 7.33
N ASP B 25 -13.94 -17.91 6.86
CA ASP B 25 -14.50 -17.65 5.54
C ASP B 25 -15.11 -16.25 5.44
N ILE B 26 -14.97 -15.65 4.26
CA ILE B 26 -15.41 -14.28 4.08
C ILE B 26 -16.42 -14.21 2.95
N ALA B 27 -17.59 -13.59 3.21
CA ALA B 27 -18.61 -13.41 2.21
C ALA B 27 -18.34 -12.18 1.42
N ILE B 28 -18.55 -12.32 0.11
CA ILE B 28 -18.65 -11.16 -0.77
C ILE B 28 -20.15 -10.77 -0.79
N ILE B 29 -20.44 -9.63 -0.18
CA ILE B 29 -21.90 -9.21 -0.02
C ILE B 29 -22.33 -8.07 -0.94
N GLY B 30 -21.40 -7.44 -1.64
CA GLY B 30 -21.71 -6.27 -2.53
C GLY B 30 -20.60 -6.11 -3.53
N MET B 31 -20.91 -5.73 -4.75
CA MET B 31 -19.91 -5.50 -5.78
C MET B 31 -20.39 -4.39 -6.66
N ALA B 32 -19.49 -3.55 -7.11
CA ALA B 32 -19.80 -2.52 -8.09
C ALA B 32 -18.53 -2.20 -8.88
N GLY B 33 -18.68 -1.55 -10.02
CA GLY B 33 -17.56 -1.23 -10.82
C GLY B 33 -17.97 -0.73 -12.19
N ARG B 34 -16.98 -0.16 -12.88
CA ARG B 34 -17.06 0.28 -14.23
C ARG B 34 -15.89 -0.16 -14.97
N TYR B 35 -16.15 -0.68 -16.16
CA TYR B 35 -15.13 -1.27 -17.03
C TYR B 35 -15.40 -0.87 -18.49
N PRO B 36 -14.52 -1.19 -19.38
CA PRO B 36 -14.70 -0.87 -20.81
C PRO B 36 -15.99 -1.45 -21.29
N LYS B 37 -16.85 -0.58 -21.87
CA LYS B 37 -18.20 -0.90 -22.36
C LYS B 37 -19.19 -1.32 -21.28
N ALA B 38 -18.86 -1.08 -20.02
CA ALA B 38 -19.69 -1.42 -18.89
C ALA B 38 -19.80 -0.31 -17.82
N LYS B 39 -21.00 0.28 -17.70
CA LYS B 39 -21.25 1.32 -16.76
C LYS B 39 -21.57 0.74 -15.41
N SER B 40 -21.74 -0.56 -15.31
CA SER B 40 -22.08 -1.21 -14.07
C SER B 40 -21.68 -2.66 -14.14
N VAL B 41 -21.67 -3.31 -13.00
CA VAL B 41 -21.41 -4.75 -12.93
C VAL B 41 -22.44 -5.50 -13.70
N ALA B 42 -23.71 -5.07 -13.66
CA ALA B 42 -24.69 -5.75 -14.49
C ALA B 42 -24.33 -5.71 -15.98
N GLU B 43 -23.91 -4.56 -16.54
CA GLU B 43 -23.54 -4.50 -17.97
C GLU B 43 -22.26 -5.30 -18.26
N PHE B 44 -21.36 -5.27 -17.29
CA PHE B 44 -20.13 -6.12 -17.31
C PHE B 44 -20.47 -7.58 -17.46
N TRP B 45 -21.44 -8.03 -16.69
CA TRP B 45 -21.87 -9.46 -16.76
C TRP B 45 -22.49 -9.80 -18.13
N GLU B 46 -23.34 -8.93 -18.63
CA GLU B 46 -23.93 -9.18 -19.94
C GLU B 46 -22.86 -9.26 -21.02
N ASN B 47 -21.86 -8.40 -20.97
CA ASN B 47 -20.75 -8.39 -21.91
C ASN B 47 -19.87 -9.64 -21.84
N LEU B 48 -19.63 -10.12 -20.62
CA LEU B 48 -18.92 -11.38 -20.40
C LEU B 48 -19.67 -12.55 -21.02
N LYS B 49 -20.98 -12.65 -20.77
CA LYS B 49 -21.78 -13.76 -21.31
C LYS B 49 -21.79 -13.70 -22.80
N ALA B 50 -21.90 -12.53 -23.35
CA ALA B 50 -21.91 -12.35 -24.83
C ALA B 50 -20.55 -12.54 -25.53
N GLY B 51 -19.46 -12.61 -24.80
CA GLY B 51 -18.16 -12.71 -25.43
C GLY B 51 -17.71 -11.44 -26.12
N THR B 52 -18.03 -10.27 -25.59
CA THR B 52 -17.81 -9.04 -26.29
C THR B 52 -16.37 -8.64 -26.11
N ASP B 53 -15.70 -8.34 -27.21
CA ASP B 53 -14.36 -7.75 -27.20
C ASP B 53 -14.53 -6.27 -26.89
N CYS B 54 -13.99 -5.80 -25.77
CA CYS B 54 -14.26 -4.44 -25.34
C CYS B 54 -13.13 -3.47 -25.61
N ILE B 55 -12.12 -3.85 -26.41
CA ILE B 55 -11.01 -3.01 -26.65
C ILE B 55 -11.33 -2.03 -27.78
N THR B 56 -10.87 -0.80 -27.68
CA THR B 56 -11.00 0.19 -28.77
C THR B 56 -9.70 0.89 -29.00
N GLU B 57 -9.69 1.80 -29.99
CA GLU B 57 -8.60 2.72 -30.16
C GLU B 57 -8.64 3.77 -29.10
N VAL B 58 -7.48 4.31 -28.78
CA VAL B 58 -7.39 5.43 -27.81
C VAL B 58 -8.35 6.51 -28.20
N PRO B 59 -9.33 6.87 -27.30
CA PRO B 59 -10.19 7.99 -27.64
C PRO B 59 -9.45 9.32 -27.74
N LYS B 60 -9.84 10.11 -28.72
CA LYS B 60 -9.25 11.44 -28.92
C LYS B 60 -9.25 12.28 -27.70
N SER B 61 -10.27 12.18 -26.88
CA SER B 61 -10.37 12.97 -25.67
C SER B 61 -9.27 12.62 -24.65
N ARG B 62 -8.53 11.52 -24.85
CA ARG B 62 -7.39 11.24 -23.95
C ARG B 62 -6.09 11.75 -24.54
N TRP B 63 -5.74 11.27 -25.73
CA TRP B 63 -4.63 11.85 -26.48
C TRP B 63 -4.86 11.33 -27.87
N ASP B 64 -4.12 11.85 -28.84
CA ASP B 64 -4.24 11.44 -30.25
C ASP B 64 -3.19 10.36 -30.52
N TRP B 65 -3.64 9.12 -30.75
CA TRP B 65 -2.65 8.07 -30.97
C TRP B 65 -1.74 8.30 -32.21
N LYS B 66 -2.26 9.09 -33.15
CA LYS B 66 -1.50 9.43 -34.37
C LYS B 66 -0.30 10.25 -34.09
N THR B 67 -0.33 11.04 -33.03
CA THR B 67 0.86 11.73 -32.57
C THR B 67 2.07 10.78 -32.42
N TYR B 68 1.86 9.53 -32.09
CA TYR B 68 2.96 8.64 -31.76
C TYR B 68 3.18 7.45 -32.68
N LYS B 69 2.58 7.43 -33.84
CA LYS B 69 2.61 6.24 -34.66
C LYS B 69 3.95 5.82 -35.23
N ASN B 70 4.94 6.70 -35.11
CA ASN B 70 6.35 6.43 -35.38
C ASN B 70 7.23 5.85 -34.24
N THR B 78 5.70 -0.45 -32.33
CA THR B 78 5.17 0.92 -32.32
C THR B 78 4.29 1.14 -31.06
N VAL B 79 4.21 2.41 -30.62
CA VAL B 79 3.41 2.80 -29.47
C VAL B 79 1.97 2.32 -29.67
N SER B 80 1.39 1.64 -28.69
CA SER B 80 0.09 1.03 -28.91
C SER B 80 -1.05 2.08 -29.12
N LYS B 81 -1.92 1.86 -30.11
CA LYS B 81 -3.06 2.72 -30.28
C LYS B 81 -4.34 2.19 -29.64
N TRP B 82 -4.21 1.13 -28.86
CA TRP B 82 -5.32 0.41 -28.28
C TRP B 82 -5.36 0.43 -26.74
N GLY B 83 -6.58 0.37 -26.24
CA GLY B 83 -6.84 0.21 -24.81
C GLY B 83 -8.24 -0.21 -24.55
N GLY B 84 -8.44 -0.75 -23.36
CA GLY B 84 -9.77 -0.88 -22.80
C GLY B 84 -10.02 0.44 -22.09
N PHE B 85 -11.01 1.22 -22.52
CA PHE B 85 -11.26 2.52 -21.90
C PHE B 85 -12.66 2.57 -21.35
N ILE B 86 -12.85 3.17 -20.18
CA ILE B 86 -14.16 3.33 -19.67
C ILE B 86 -14.76 4.60 -20.23
N ASP B 87 -16.10 4.69 -20.27
CA ASP B 87 -16.80 5.91 -20.69
C ASP B 87 -16.85 6.89 -19.51
N ASP B 88 -16.71 8.16 -19.82
CA ASP B 88 -16.94 9.19 -18.80
C ASP B 88 -15.99 9.12 -17.62
N ALA B 89 -14.72 8.79 -17.90
CA ALA B 89 -13.68 8.79 -16.92
C ALA B 89 -13.42 10.16 -16.24
N ASP B 90 -13.73 11.23 -16.97
CA ASP B 90 -13.53 12.60 -16.51
C ASP B 90 -14.78 13.19 -15.78
N CYS B 91 -15.83 12.38 -15.59
CA CYS B 91 -17.12 12.81 -15.01
C CYS B 91 -17.24 12.38 -13.52
N PHE B 92 -18.01 13.15 -12.77
CA PHE B 92 -18.19 12.98 -11.37
C PHE B 92 -19.44 13.80 -11.00
N ASP B 93 -20.01 13.44 -9.86
CA ASP B 93 -21.16 14.18 -9.26
C ASP B 93 -20.57 14.70 -7.94
N PRO B 94 -19.91 15.86 -7.97
CA PRO B 94 -19.33 16.37 -6.68
C PRO B 94 -20.43 16.91 -5.78
N GLN B 95 -21.48 17.48 -6.35
CA GLN B 95 -22.53 18.03 -5.50
C GLN B 95 -23.17 16.94 -4.67
N PHE B 96 -23.32 15.74 -5.18
CA PHE B 96 -23.83 14.68 -4.32
C PHE B 96 -23.10 14.60 -2.97
N PHE B 97 -21.75 14.71 -3.04
CA PHE B 97 -20.84 14.60 -1.90
C PHE B 97 -20.52 15.91 -1.21
N ARG B 98 -21.12 16.99 -1.69
CA ARG B 98 -20.91 18.32 -1.18
C ARG B 98 -19.53 18.72 -1.44
N ILE B 99 -18.98 18.29 -2.55
CA ILE B 99 -17.64 18.69 -2.94
C ILE B 99 -17.76 19.86 -3.92
N SER B 100 -16.97 20.91 -3.74
CA SER B 100 -17.08 22.02 -4.71
C SER B 100 -16.56 21.68 -6.10
N PRO B 101 -17.09 22.35 -7.14
CA PRO B 101 -16.51 22.23 -8.48
C PRO B 101 -15.00 22.42 -8.57
N ARG B 102 -14.47 23.41 -7.88
CA ARG B 102 -13.04 23.60 -7.90
C ARG B 102 -12.26 22.38 -7.33
N GLU B 103 -12.74 21.83 -6.21
CA GLU B 103 -12.08 20.69 -5.61
C GLU B 103 -12.22 19.48 -6.52
N ALA B 104 -13.34 19.37 -7.20
CA ALA B 104 -13.55 18.24 -8.13
C ALA B 104 -12.50 18.28 -9.23
N GLU B 105 -12.20 19.47 -9.74
CA GLU B 105 -11.25 19.59 -10.82
C GLU B 105 -9.87 19.14 -10.40
N THR B 106 -9.50 19.41 -9.14
CA THR B 106 -8.18 19.06 -8.70
C THR B 106 -8.07 17.61 -8.24
N MET B 107 -9.18 16.97 -8.00
CA MET B 107 -9.16 15.58 -7.54
C MET B 107 -8.83 14.64 -8.70
N ASP B 108 -7.88 13.73 -8.50
CA ASP B 108 -7.60 12.67 -9.45
C ASP B 108 -8.91 11.94 -9.83
N PRO B 109 -9.21 11.87 -11.13
CA PRO B 109 -10.37 11.06 -11.52
C PRO B 109 -10.42 9.66 -10.86
N GLN B 110 -9.30 9.06 -10.61
CA GLN B 110 -9.26 7.76 -9.96
C GLN B 110 -9.92 7.84 -8.59
N GLU B 111 -9.65 8.92 -7.91
CA GLU B 111 -10.22 9.17 -6.60
C GLU B 111 -11.72 9.39 -6.72
N ARG B 112 -12.13 10.19 -7.67
CA ARG B 112 -13.51 10.47 -7.89
C ARG B 112 -14.30 9.20 -8.18
N LEU B 113 -13.78 8.38 -9.06
CA LEU B 113 -14.48 7.20 -9.48
C LEU B 113 -14.49 6.11 -8.40
N PHE B 114 -13.44 6.02 -7.60
CA PHE B 114 -13.41 5.02 -6.56
C PHE B 114 -14.40 5.35 -5.48
N LEU B 115 -14.59 6.66 -5.25
CA LEU B 115 -15.60 7.12 -4.32
C LEU B 115 -17.00 6.70 -4.78
N GLU B 116 -17.36 7.07 -5.99
CA GLU B 116 -18.66 6.66 -6.52
C GLU B 116 -18.80 5.13 -6.46
N THR B 117 -17.79 4.41 -6.88
CA THR B 117 -17.86 2.97 -6.94
C THR B 117 -18.08 2.33 -5.56
N CYS B 118 -17.37 2.83 -4.56
CA CYS B 118 -17.53 2.30 -3.22
C CYS B 118 -18.96 2.61 -2.72
N TRP B 119 -19.45 3.81 -2.99
CA TRP B 119 -20.86 4.18 -2.64
C TRP B 119 -21.79 3.15 -3.28
N GLU B 120 -21.58 2.85 -4.55
CA GLU B 120 -22.39 1.88 -5.27
C GLU B 120 -22.28 0.47 -4.69
N THR B 121 -21.09 0.10 -4.22
CA THR B 121 -20.86 -1.26 -3.71
C THR B 121 -21.65 -1.51 -2.42
N ILE B 122 -21.64 -0.52 -1.57
CA ILE B 122 -22.38 -0.54 -0.34
C ILE B 122 -23.90 -0.62 -0.65
N GLU B 123 -24.33 0.19 -1.59
CA GLU B 123 -25.71 0.12 -2.06
C GLU B 123 -26.06 -1.24 -2.68
N ASP B 124 -25.14 -1.84 -3.46
CA ASP B 124 -25.40 -3.15 -4.05
C ASP B 124 -25.59 -4.20 -2.97
N ALA B 125 -24.92 -4.02 -1.86
CA ALA B 125 -25.06 -4.93 -0.74
C ALA B 125 -26.33 -4.71 0.07
N GLY B 126 -27.03 -3.60 -0.17
CA GLY B 126 -28.27 -3.34 0.56
C GLY B 126 -28.01 -2.71 1.90
N TYR B 127 -26.95 -1.90 1.98
CA TYR B 127 -26.56 -1.21 3.20
C TYR B 127 -26.42 0.27 2.94
N THR B 128 -26.46 1.04 4.01
CA THR B 128 -26.06 2.41 3.99
C THR B 128 -24.84 2.48 4.91
N PRO B 129 -24.10 3.53 4.86
CA PRO B 129 -23.00 3.65 5.79
C PRO B 129 -23.48 3.54 7.20
N GLU B 130 -24.61 4.14 7.54
CA GLU B 130 -25.16 3.94 8.87
C GLU B 130 -25.43 2.51 9.27
N THR B 131 -26.13 1.76 8.42
CA THR B 131 -26.51 0.42 8.78
C THR B 131 -25.36 -0.54 8.69
N LEU B 132 -24.35 -0.17 7.95
CA LEU B 132 -23.17 -1.04 7.74
C LEU B 132 -22.37 -0.94 9.00
N HIS B 140 -16.73 3.22 13.89
CA HIS B 140 -17.38 2.33 12.85
C HIS B 140 -16.18 1.58 12.18
N PRO B 141 -15.82 0.34 12.65
CA PRO B 141 -14.56 -0.29 12.21
C PRO B 141 -14.79 -1.01 10.87
N ILE B 142 -14.83 -0.16 9.84
CA ILE B 142 -15.03 -0.58 8.45
C ILE B 142 -13.80 -0.08 7.71
N GLY B 143 -13.08 -1.02 7.09
CA GLY B 143 -11.82 -0.73 6.35
C GLY B 143 -12.03 -0.45 4.88
N VAL B 144 -11.13 0.32 4.27
CA VAL B 144 -11.08 0.58 2.83
C VAL B 144 -9.64 0.29 2.31
N PHE B 145 -9.50 -0.62 1.36
CA PHE B 145 -8.21 -1.09 0.90
C PHE B 145 -8.23 -0.99 -0.59
N ALA B 146 -7.47 -0.07 -1.14
CA ALA B 146 -7.49 0.24 -2.54
C ALA B 146 -6.14 -0.11 -3.26
N GLY B 147 -6.21 -0.87 -4.34
CA GLY B 147 -5.07 -1.07 -5.19
C GLY B 147 -4.94 -0.02 -6.29
N VAL B 148 -3.76 0.53 -6.44
CA VAL B 148 -3.50 1.58 -7.39
C VAL B 148 -2.05 1.58 -7.86
N MET B 149 -1.77 1.66 -9.15
CA MET B 149 -0.38 1.70 -9.60
C MET B 149 0.14 2.83 -10.49
N HIS B 150 -0.76 3.69 -10.88
CA HIS B 150 -0.44 4.84 -11.76
C HIS B 150 -1.12 6.09 -11.22
N LYS B 151 -0.52 7.22 -11.51
CA LYS B 151 -0.99 8.54 -11.14
C LYS B 151 -0.81 9.47 -12.39
N ASP B 152 -1.57 9.15 -13.43
CA ASP B 152 -1.54 9.93 -14.64
C ASP B 152 -1.91 11.39 -14.38
N TYR B 153 -2.88 11.62 -13.50
CA TYR B 153 -3.33 12.99 -13.22
C TYR B 153 -2.27 13.82 -12.56
N SER B 154 -1.29 13.20 -11.91
CA SER B 154 -0.16 13.97 -11.40
C SER B 154 0.71 14.54 -12.52
N LEU B 155 0.91 13.78 -13.59
CA LEU B 155 1.65 14.23 -14.77
C LEU B 155 0.93 15.38 -15.44
N ILE B 156 -0.38 15.21 -15.59
CA ILE B 156 -1.24 16.21 -16.18
C ILE B 156 -1.23 17.47 -15.33
N GLY B 157 -1.35 17.33 -14.02
CA GLY B 157 -1.24 18.48 -13.16
C GLY B 157 0.12 19.20 -13.21
N ALA B 158 1.19 18.43 -13.18
CA ALA B 158 2.49 19.00 -13.25
C ALA B 158 2.75 19.79 -14.55
N GLU B 159 2.26 19.32 -15.72
CA GLU B 159 2.41 20.03 -16.98
C GLU B 159 1.75 21.38 -16.84
N GLN B 160 0.57 21.40 -16.25
CA GLN B 160 -0.18 22.64 -16.10
C GLN B 160 0.40 23.67 -15.10
N LEU B 161 1.20 23.23 -14.14
CA LEU B 161 1.86 24.16 -13.22
C LEU B 161 2.72 25.20 -13.89
N THR B 164 0.01 28.08 -15.29
CA THR B 164 -0.90 28.85 -14.43
C THR B 164 -0.30 29.04 -13.03
N ASP B 165 -1.01 29.74 -12.16
CA ASP B 165 -0.57 29.88 -10.78
C ASP B 165 -0.64 28.55 -10.11
N PRO B 166 0.10 28.43 -9.02
CA PRO B 166 0.05 27.17 -8.28
C PRO B 166 -1.34 26.76 -7.82
N PHE B 167 -1.59 25.46 -7.91
CA PHE B 167 -2.81 24.88 -7.47
C PHE B 167 -2.46 23.48 -6.91
N PRO B 168 -3.38 22.84 -6.21
CA PRO B 168 -3.00 21.54 -5.67
C PRO B 168 -3.01 20.40 -6.76
N VAL B 169 -1.84 19.89 -7.07
CA VAL B 169 -1.66 18.75 -7.95
C VAL B 169 -1.93 17.49 -7.09
N SER B 170 -2.57 16.47 -7.66
CA SER B 170 -2.84 15.20 -6.91
C SER B 170 -1.57 14.33 -7.00
N LEU B 171 -0.76 14.39 -5.97
CA LEU B 171 0.55 13.80 -5.97
C LEU B 171 0.69 12.43 -5.25
N ASN B 172 -0.34 12.00 -4.56
CA ASN B 172 -0.30 10.78 -3.74
C ASN B 172 -1.41 9.83 -4.07
N TYR B 173 -1.36 8.64 -3.51
CA TYR B 173 -2.44 7.65 -3.68
C TYR B 173 -3.46 7.67 -2.58
N ALA B 174 -3.11 8.11 -1.38
CA ALA B 174 -3.85 7.72 -0.19
C ALA B 174 -5.28 8.21 -0.26
N GLN B 175 -5.49 9.36 -0.89
CA GLN B 175 -6.83 9.95 -0.86
C GLN B 175 -7.85 9.11 -1.61
N ILE B 176 -7.36 8.24 -2.47
CA ILE B 176 -8.23 7.27 -3.12
C ILE B 176 -9.00 6.44 -2.12
N ALA B 177 -8.30 5.95 -1.12
CA ALA B 177 -8.94 5.22 0.01
C ALA B 177 -9.52 6.14 1.08
N ASN B 178 -8.77 7.20 1.41
CA ASN B 178 -9.14 8.03 2.55
C ASN B 178 -10.43 8.80 2.30
N ARG B 179 -10.68 9.17 1.04
CA ARG B 179 -11.90 9.91 0.72
C ARG B 179 -13.13 9.10 0.99
N VAL B 180 -13.05 7.79 0.76
CA VAL B 180 -14.13 6.90 1.03
C VAL B 180 -14.39 6.82 2.53
N SER B 181 -13.37 6.57 3.30
CA SER B 181 -13.46 6.52 4.75
C SER B 181 -14.00 7.82 5.34
N TYR B 182 -13.55 8.95 4.79
CA TYR B 182 -14.01 10.27 5.16
C TYR B 182 -15.51 10.46 4.91
N TYR B 183 -15.93 10.31 3.67
CA TYR B 183 -17.30 10.54 3.31
C TYR B 183 -18.22 9.62 3.99
N CYS B 184 -17.86 8.35 4.11
CA CYS B 184 -18.76 7.36 4.69
C CYS B 184 -18.72 7.25 6.22
N ASP B 185 -17.85 8.04 6.83
CA ASP B 185 -17.58 8.02 8.28
C ASP B 185 -17.16 6.64 8.76
N PHE B 186 -16.13 6.09 8.11
CA PHE B 186 -15.58 4.82 8.49
C PHE B 186 -14.27 5.07 9.21
N HIS B 187 -14.00 4.26 10.23
CA HIS B 187 -12.84 4.48 11.08
C HIS B 187 -11.78 3.39 10.94
N GLY B 188 -12.10 2.32 10.20
CA GLY B 188 -11.13 1.25 10.04
C GLY B 188 -9.95 1.62 9.24
N PRO B 189 -9.00 0.65 9.08
CA PRO B 189 -7.84 0.99 8.25
C PRO B 189 -8.28 1.54 6.90
N SER B 190 -7.53 2.49 6.36
CA SER B 190 -7.82 3.16 5.10
C SER B 190 -6.45 3.30 4.38
N ILE B 191 -6.22 2.42 3.41
CA ILE B 191 -4.88 2.18 2.83
C ILE B 191 -4.96 2.06 1.31
N ALA B 192 -4.00 2.68 0.63
CA ALA B 192 -3.71 2.41 -0.76
C ALA B 192 -2.46 1.55 -0.84
N VAL B 193 -2.49 0.55 -1.71
CA VAL B 193 -1.37 -0.36 -1.87
C VAL B 193 -1.02 -0.50 -3.34
N ASP B 194 0.29 -0.66 -3.61
CA ASP B 194 0.81 -0.81 -4.93
C ASP B 194 1.74 -2.02 -5.01
N THR B 195 1.31 -3.02 -5.71
CA THR B 195 2.13 -4.15 -6.07
C THR B 195 2.11 -4.36 -7.59
N VAL B 196 1.96 -3.24 -8.29
CA VAL B 196 1.68 -3.13 -9.69
C VAL B 196 0.50 -4.00 -10.12
N CYS B 197 0.70 -4.98 -10.98
CA CYS B 197 -0.42 -5.72 -11.53
C CYS B 197 -1.28 -6.50 -10.54
N SER B 198 -0.74 -6.86 -9.40
CA SER B 198 -1.47 -7.65 -8.40
C SER B 198 -2.13 -6.74 -7.34
N SER B 199 -2.05 -5.43 -7.52
CA SER B 199 -2.35 -4.48 -6.45
C SER B 199 -3.78 -4.71 -5.85
N SER B 200 -4.80 -4.95 -6.70
CA SER B 200 -6.12 -5.06 -6.12
C SER B 200 -6.36 -6.45 -5.44
N LEU B 201 -5.54 -7.46 -5.71
CA LEU B 201 -5.59 -8.70 -4.93
C LEU B 201 -4.85 -8.59 -3.62
N THR B 202 -3.74 -7.90 -3.66
CA THR B 202 -3.03 -7.59 -2.47
C THR B 202 -4.00 -6.81 -1.57
N ALA B 203 -4.72 -5.88 -2.12
CA ALA B 203 -5.68 -5.11 -1.35
C ALA B 203 -6.74 -6.00 -0.70
N VAL B 204 -7.32 -6.90 -1.48
CA VAL B 204 -8.26 -7.86 -0.90
C VAL B 204 -7.67 -8.74 0.18
N HIS B 205 -6.44 -9.20 -0.01
CA HIS B 205 -5.79 -10.07 0.92
C HIS B 205 -5.64 -9.32 2.24
N LEU B 206 -5.22 -8.08 2.16
CA LEU B 206 -5.04 -7.28 3.40
C LEU B 206 -6.40 -7.01 4.10
N ALA B 207 -7.45 -6.85 3.32
CA ALA B 207 -8.79 -6.63 3.90
C ALA B 207 -9.26 -7.90 4.60
N ILE B 208 -9.08 -9.02 3.93
CA ILE B 208 -9.41 -10.33 4.53
C ILE B 208 -8.67 -10.58 5.85
N GLU B 209 -7.37 -10.37 5.84
CA GLU B 209 -6.62 -10.55 7.06
C GLU B 209 -7.06 -9.58 8.16
N SER B 210 -7.31 -8.31 7.83
CA SER B 210 -7.81 -7.36 8.80
C SER B 210 -9.18 -7.78 9.46
N ILE B 211 -10.07 -8.28 8.63
CA ILE B 211 -11.37 -8.80 9.11
C ILE B 211 -11.13 -10.03 10.02
N ARG B 212 -10.22 -10.92 9.60
CA ARG B 212 -10.05 -12.21 10.27
C ARG B 212 -9.47 -11.97 11.63
N ARG B 213 -8.68 -10.92 11.81
CA ARG B 213 -8.17 -10.67 13.16
C ARG B 213 -9.07 -9.76 13.97
N GLY B 214 -10.18 -9.28 13.43
CA GLY B 214 -11.12 -8.48 14.21
C GLY B 214 -10.79 -7.00 14.20
N GLU B 215 -9.83 -6.59 13.41
CA GLU B 215 -9.51 -5.19 13.30
C GLU B 215 -10.62 -4.44 12.57
N CYS B 216 -11.25 -5.03 11.56
CA CYS B 216 -12.54 -4.52 11.14
C CYS B 216 -13.61 -5.56 11.05
N GLU B 217 -14.83 -5.09 11.07
CA GLU B 217 -16.03 -5.94 11.06
C GLU B 217 -16.43 -6.19 9.63
N ALA B 218 -16.09 -5.25 8.72
CA ALA B 218 -16.33 -5.44 7.29
C ALA B 218 -15.30 -4.52 6.57
N ALA B 219 -15.16 -4.70 5.28
CA ALA B 219 -14.23 -3.85 4.53
C ALA B 219 -14.60 -3.76 3.13
N LEU B 220 -14.27 -2.67 2.55
CA LEU B 220 -14.29 -2.50 1.12
C LEU B 220 -12.89 -2.75 0.55
N ALA B 221 -12.80 -3.48 -0.53
CA ALA B 221 -11.51 -3.76 -1.12
C ALA B 221 -11.68 -3.68 -2.61
N GLY B 222 -10.75 -3.05 -3.28
CA GLY B 222 -10.77 -3.07 -4.74
C GLY B 222 -9.64 -2.36 -5.39
N GLY B 223 -9.87 -1.78 -6.54
CA GLY B 223 -8.83 -1.07 -7.22
C GLY B 223 -9.30 -0.16 -8.29
N VAL B 224 -8.39 0.66 -8.78
CA VAL B 224 -8.71 1.59 -9.82
C VAL B 224 -7.50 1.80 -10.72
N ASN B 225 -7.78 2.01 -11.98
CA ASN B 225 -6.78 2.28 -12.95
C ASN B 225 -7.31 3.09 -14.15
N LEU B 226 -6.80 4.27 -14.33
CA LEU B 226 -7.20 5.12 -15.46
C LEU B 226 -5.97 5.54 -16.29
N SER B 227 -6.17 5.50 -17.60
CA SER B 227 -5.14 5.78 -18.56
C SER B 227 -5.41 7.19 -19.15
N LEU B 228 -4.84 8.22 -18.55
CA LEU B 228 -5.19 9.59 -18.86
C LEU B 228 -4.09 10.33 -19.57
N HIS B 229 -2.87 9.81 -19.55
CA HIS B 229 -1.76 10.56 -20.10
C HIS B 229 -0.90 9.56 -20.83
N PRO B 230 -0.37 9.99 -21.98
CA PRO B 230 0.38 9.00 -22.82
C PRO B 230 1.73 8.50 -22.28
N ALA B 231 2.27 9.10 -21.20
CA ALA B 231 3.60 8.69 -20.75
C ALA B 231 3.67 7.20 -20.52
N LYS B 232 2.57 6.60 -19.99
CA LYS B 232 2.62 5.17 -19.74
C LYS B 232 2.72 4.37 -21.03
N TYR B 233 2.06 4.83 -22.05
CA TYR B 233 2.07 4.09 -23.33
C TYR B 233 3.44 4.17 -23.97
N LEU B 234 4.08 5.31 -23.88
CA LEU B 234 5.42 5.47 -24.41
C LEU B 234 6.42 4.65 -23.65
N SER B 235 6.31 4.70 -22.32
CA SER B 235 7.23 4.05 -21.47
C SER B 235 7.10 2.52 -21.57
N TYR B 236 5.88 1.99 -21.43
CA TYR B 236 5.72 0.53 -21.49
C TYR B 236 6.00 0.04 -22.92
N GLY B 237 5.69 0.88 -23.90
CA GLY B 237 6.08 0.56 -25.32
C GLY B 237 7.56 0.43 -25.54
N SER B 238 8.33 1.32 -24.93
CA SER B 238 9.78 1.28 -24.98
C SER B 238 10.37 0.02 -24.44
N VAL B 239 9.69 -0.63 -23.50
CA VAL B 239 10.14 -1.92 -22.96
C VAL B 239 9.49 -3.13 -23.64
N GLY B 240 8.60 -2.93 -24.62
CA GLY B 240 7.92 -4.03 -25.32
C GLY B 240 6.76 -4.74 -24.61
N MET B 241 6.17 -4.08 -23.62
CA MET B 241 5.16 -4.72 -22.81
C MET B 241 3.79 -4.82 -23.52
N HIS B 242 3.54 -3.95 -24.50
CA HIS B 242 2.26 -3.87 -25.13
C HIS B 242 2.22 -4.70 -26.41
N SER B 243 1.13 -5.42 -26.60
CA SER B 243 1.01 -6.32 -27.79
C SER B 243 0.81 -5.47 -29.05
N SER B 244 1.23 -6.01 -30.19
CA SER B 244 1.19 -5.29 -31.46
C SER B 244 -0.17 -5.29 -32.09
N ASP B 245 -1.11 -6.14 -31.62
CA ASP B 245 -2.55 -6.02 -32.04
C ASP B 245 -3.53 -5.42 -31.03
N GLY B 246 -3.05 -4.98 -29.87
CA GLY B 246 -3.90 -4.38 -28.90
C GLY B 246 -4.85 -5.33 -28.15
N ARG B 247 -4.47 -6.59 -28.00
CA ARG B 247 -5.24 -7.60 -27.32
C ARG B 247 -4.42 -8.40 -26.35
N CYS B 248 -5.12 -8.94 -25.34
CA CYS B 248 -4.54 -9.94 -24.45
C CYS B 248 -5.05 -11.26 -24.95
N ARG B 249 -4.20 -11.97 -25.71
CA ARG B 249 -4.61 -13.22 -26.30
C ARG B 249 -4.35 -14.33 -25.33
N THR B 250 -5.20 -14.39 -24.32
CA THR B 250 -5.05 -15.33 -23.19
C THR B 250 -4.95 -16.78 -23.73
N PHE B 251 -3.77 -17.37 -23.56
CA PHE B 251 -3.42 -18.73 -23.97
C PHE B 251 -3.64 -18.98 -25.44
N GLY B 252 -3.64 -17.91 -26.22
CA GLY B 252 -3.87 -17.97 -27.63
C GLY B 252 -2.58 -17.83 -28.42
N GLU B 253 -2.64 -18.21 -29.69
CA GLU B 253 -1.50 -18.15 -30.58
C GLU B 253 -1.25 -16.71 -30.96
N GLY B 254 -0.01 -16.36 -31.04
CA GLY B 254 0.40 -15.03 -31.57
C GLY B 254 0.52 -13.93 -30.51
N GLY B 255 0.20 -14.24 -29.27
CA GLY B 255 0.23 -13.25 -28.22
C GLY B 255 1.62 -12.71 -27.98
N ASP B 256 1.79 -11.41 -28.05
CA ASP B 256 3.10 -10.80 -27.89
C ASP B 256 3.18 -9.62 -26.93
N GLY B 257 2.29 -9.60 -25.94
CA GLY B 257 2.19 -8.54 -24.99
C GLY B 257 0.78 -8.32 -24.50
N TYR B 258 0.60 -7.27 -23.74
CA TYR B 258 -0.78 -6.97 -23.30
C TYR B 258 -1.32 -5.67 -23.81
N VAL B 259 -2.62 -5.42 -23.61
CA VAL B 259 -3.23 -4.12 -23.84
C VAL B 259 -3.70 -3.52 -22.55
N SER B 260 -3.29 -2.30 -22.28
CA SER B 260 -3.68 -1.65 -21.08
C SER B 260 -5.15 -1.40 -21.04
N GLY B 261 -5.71 -1.65 -19.86
CA GLY B 261 -7.12 -1.42 -19.64
C GLY B 261 -7.41 -0.54 -18.42
N GLU B 262 -8.54 0.14 -18.48
CA GLU B 262 -9.09 0.94 -17.36
C GLU B 262 -10.15 0.14 -16.62
N GLY B 263 -10.29 0.38 -15.33
CA GLY B 263 -11.35 -0.21 -14.56
C GLY B 263 -11.38 0.43 -13.18
N VAL B 264 -12.53 0.38 -12.56
CA VAL B 264 -12.66 0.71 -11.19
C VAL B 264 -13.61 -0.29 -10.61
N GLY B 265 -13.30 -0.81 -9.42
CA GLY B 265 -14.17 -1.82 -8.83
C GLY B 265 -13.89 -2.04 -7.37
N ALA B 266 -14.92 -2.46 -6.68
CA ALA B 266 -14.82 -2.87 -5.26
C ALA B 266 -15.79 -3.97 -4.90
N VAL B 267 -15.40 -4.69 -3.83
CA VAL B 267 -16.22 -5.67 -3.18
C VAL B 267 -16.36 -5.29 -1.70
N LEU B 268 -17.54 -5.55 -1.14
CA LEU B 268 -17.75 -5.41 0.25
C LEU B 268 -17.65 -6.80 0.90
N LEU B 269 -16.77 -6.89 1.85
CA LEU B 269 -16.41 -8.18 2.46
C LEU B 269 -16.87 -8.19 3.90
N LYS B 270 -17.35 -9.35 4.36
CA LYS B 270 -17.77 -9.49 5.74
C LYS B 270 -17.61 -10.96 6.14
N PRO B 271 -17.37 -11.25 7.44
CA PRO B 271 -17.37 -12.67 7.84
C PRO B 271 -18.61 -13.39 7.41
N LEU B 272 -18.46 -14.59 6.90
CA LEU B 272 -19.61 -15.37 6.48
C LEU B 272 -20.70 -15.49 7.50
N GLU B 273 -20.38 -15.87 8.73
CA GLU B 273 -21.41 -16.18 9.69
C GLU B 273 -22.26 -14.95 9.96
N LYS B 274 -21.62 -13.80 10.06
CA LYS B 274 -22.31 -12.55 10.26
C LYS B 274 -23.20 -12.22 9.06
N ALA B 275 -22.63 -12.38 7.89
CA ALA B 275 -23.42 -12.12 6.70
C ALA B 275 -24.66 -13.02 6.66
N GLU B 276 -24.49 -14.26 7.06
CA GLU B 276 -25.67 -15.16 7.12
C GLU B 276 -26.69 -14.68 8.14
N GLN B 277 -26.25 -14.33 9.34
CA GLN B 277 -27.17 -13.88 10.41
C GLN B 277 -27.87 -12.64 10.03
N ASP B 278 -27.20 -11.72 9.31
CA ASP B 278 -27.81 -10.51 8.93
C ASP B 278 -28.71 -10.62 7.70
N GLY B 279 -28.84 -11.79 7.09
CA GLY B 279 -29.74 -11.97 5.91
C GLY B 279 -29.19 -11.24 4.66
N ASP B 280 -27.86 -11.19 4.56
CA ASP B 280 -27.20 -10.58 3.44
C ASP B 280 -27.33 -11.46 2.23
N ARG B 281 -27.25 -10.86 1.04
CA ARG B 281 -27.08 -11.67 -0.19
C ARG B 281 -25.58 -11.92 -0.43
N ILE B 282 -25.19 -13.18 -0.51
CA ILE B 282 -23.80 -13.58 -0.63
C ILE B 282 -23.52 -14.09 -2.03
N TYR B 283 -22.70 -13.35 -2.76
CA TYR B 283 -22.40 -13.71 -4.12
C TYR B 283 -21.52 -14.96 -4.21
N ALA B 284 -20.60 -15.07 -3.27
CA ALA B 284 -19.58 -16.13 -3.23
C ALA B 284 -18.80 -16.00 -1.93
N VAL B 285 -18.09 -17.05 -1.55
CA VAL B 285 -17.36 -17.12 -0.30
C VAL B 285 -15.88 -17.26 -0.59
N ILE B 286 -15.06 -16.40 0.02
CA ILE B 286 -13.62 -16.49 -0.13
C ILE B 286 -13.12 -17.41 0.97
N LYS B 287 -12.53 -18.53 0.56
CA LYS B 287 -12.04 -19.59 1.44
C LYS B 287 -10.58 -19.44 1.78
N GLY B 288 -9.82 -18.78 0.92
CA GLY B 288 -8.37 -18.60 1.19
C GLY B 288 -7.81 -17.52 0.30
N SER B 289 -6.78 -16.83 0.78
CA SER B 289 -5.96 -15.91 -0.05
C SER B 289 -4.49 -16.04 0.40
N ALA B 290 -3.59 -15.85 -0.54
CA ALA B 290 -2.15 -15.90 -0.22
C ALA B 290 -1.43 -14.94 -1.14
N ILE B 291 -0.33 -14.37 -0.62
CA ILE B 291 0.52 -13.54 -1.41
C ILE B 291 1.96 -13.98 -1.18
N ASN B 292 2.84 -13.62 -2.13
CA ASN B 292 4.29 -13.94 -2.00
C ASN B 292 5.06 -13.20 -3.04
N HIS B 293 6.37 -13.32 -3.02
CA HIS B 293 7.17 -12.75 -4.02
C HIS B 293 8.06 -13.79 -4.67
N VAL B 294 8.45 -13.51 -5.92
CA VAL B 294 9.32 -14.42 -6.69
C VAL B 294 10.72 -14.58 -6.18
N GLY B 295 11.22 -13.58 -5.46
CA GLY B 295 12.63 -13.56 -5.04
C GLY B 295 13.57 -13.40 -6.20
N LYS B 296 14.76 -14.04 -6.17
CA LYS B 296 15.79 -13.71 -7.09
C LYS B 296 15.48 -14.60 -8.30
N VAL B 297 15.17 -14.02 -9.42
CA VAL B 297 14.99 -14.73 -10.65
C VAL B 297 15.88 -13.95 -11.59
N SER B 298 15.98 -14.39 -12.83
CA SER B 298 16.97 -13.77 -13.74
C SER B 298 16.83 -12.30 -14.01
N GLY B 299 15.62 -11.76 -13.88
CA GLY B 299 15.39 -10.32 -14.08
C GLY B 299 14.13 -10.00 -13.27
N ILE B 300 14.01 -8.79 -12.75
CA ILE B 300 12.89 -8.46 -11.84
C ILE B 300 11.52 -8.59 -12.47
N THR B 301 11.42 -8.50 -13.78
CA THR B 301 10.16 -8.73 -14.44
C THR B 301 9.96 -10.10 -15.03
N VAL B 302 10.78 -11.09 -14.69
CA VAL B 302 10.58 -12.43 -15.21
C VAL B 302 9.68 -13.20 -14.25
N PRO B 303 8.55 -13.73 -14.74
CA PRO B 303 7.68 -14.45 -13.80
C PRO B 303 8.26 -15.80 -13.44
N SER B 304 7.88 -16.31 -12.26
CA SER B 304 8.47 -17.56 -11.78
C SER B 304 7.42 -18.61 -11.62
N PRO B 305 7.52 -19.71 -12.40
CA PRO B 305 6.59 -20.81 -12.12
C PRO B 305 6.66 -21.39 -10.75
N ALA B 306 7.85 -21.51 -10.18
CA ALA B 306 7.98 -22.04 -8.84
C ALA B 306 7.22 -21.16 -7.83
N ALA B 307 7.37 -19.84 -7.95
CA ALA B 307 6.77 -18.93 -6.92
C ALA B 307 5.22 -18.87 -7.12
N GLN B 308 4.78 -18.96 -8.36
CA GLN B 308 3.38 -19.03 -8.65
C GLN B 308 2.80 -20.34 -8.05
N ALA B 309 3.46 -21.49 -8.29
CA ALA B 309 2.99 -22.73 -7.69
C ALA B 309 2.96 -22.62 -6.20
N GLU B 310 3.97 -21.97 -5.64
CA GLU B 310 4.05 -21.76 -4.20
C GLU B 310 2.84 -21.03 -3.63
N VAL B 311 2.45 -19.93 -4.27
CA VAL B 311 1.33 -19.12 -3.76
C VAL B 311 0.00 -19.85 -3.93
N ILE B 312 -0.15 -20.55 -5.04
CA ILE B 312 -1.32 -21.35 -5.28
C ILE B 312 -1.44 -22.49 -4.22
N LYS B 313 -0.39 -23.21 -3.92
CA LYS B 313 -0.42 -24.26 -2.88
C LYS B 313 -0.67 -23.74 -1.50
N ALA B 314 -0.14 -22.56 -1.21
CA ALA B 314 -0.36 -21.94 0.08
C ALA B 314 -1.83 -21.57 0.24
N CYS B 315 -2.41 -21.07 -0.83
CA CYS B 315 -3.82 -20.69 -0.79
C CYS B 315 -4.75 -21.92 -0.69
N LEU B 316 -4.45 -22.98 -1.46
CA LEU B 316 -5.23 -24.23 -1.39
C LEU B 316 -5.16 -24.83 0.02
N LYS B 317 -3.99 -24.77 0.64
CA LYS B 317 -3.87 -25.26 2.00
C LYS B 317 -4.63 -24.39 2.99
N LYS B 318 -4.59 -23.08 2.87
CA LYS B 318 -5.42 -22.21 3.70
C LYS B 318 -6.92 -22.45 3.53
N ALA B 319 -7.37 -22.74 2.28
CA ALA B 319 -8.73 -23.02 2.01
C ALA B 319 -9.16 -24.41 2.49
N GLY B 320 -8.21 -25.26 2.80
CA GLY B 320 -8.41 -26.65 3.15
C GLY B 320 -8.94 -27.52 2.03
N ILE B 321 -8.72 -27.14 0.78
CA ILE B 321 -9.26 -27.97 -0.30
C ILE B 321 -8.20 -28.59 -1.20
N SER B 322 -8.62 -29.67 -1.85
CA SER B 322 -7.84 -30.31 -2.86
C SER B 322 -8.01 -29.59 -4.19
N PRO B 323 -6.93 -29.49 -4.97
CA PRO B 323 -7.00 -28.84 -6.26
C PRO B 323 -7.86 -29.62 -7.23
N ARG B 324 -8.10 -30.90 -6.95
CA ARG B 324 -9.03 -31.67 -7.86
C ARG B 324 -10.45 -31.07 -7.83
N THR B 325 -10.78 -30.36 -6.72
CA THR B 325 -12.13 -29.83 -6.54
C THR B 325 -12.32 -28.45 -7.12
N VAL B 326 -11.31 -27.91 -7.77
CA VAL B 326 -11.38 -26.58 -8.39
C VAL B 326 -11.75 -26.78 -9.82
N SER B 327 -12.90 -26.25 -10.25
CA SER B 327 -13.37 -26.49 -11.58
C SER B 327 -13.31 -25.29 -12.55
N TYR B 328 -12.93 -24.13 -12.07
CA TYR B 328 -12.58 -22.98 -12.91
C TYR B 328 -11.36 -22.23 -12.28
N VAL B 329 -10.47 -21.77 -13.12
CA VAL B 329 -9.46 -20.84 -12.69
C VAL B 329 -9.51 -19.59 -13.53
N GLU B 330 -9.49 -18.45 -12.85
CA GLU B 330 -9.37 -17.14 -13.52
C GLU B 330 -7.90 -16.81 -13.51
N ALA B 331 -7.28 -17.02 -14.64
CA ALA B 331 -5.86 -16.84 -14.81
C ALA B 331 -5.50 -15.35 -14.87
N HIS B 332 -4.28 -15.10 -14.54
CA HIS B 332 -3.68 -13.77 -14.74
C HIS B 332 -3.77 -13.49 -16.24
N GLY B 333 -3.22 -14.40 -17.04
CA GLY B 333 -3.62 -14.50 -18.43
C GLY B 333 -3.36 -13.32 -19.38
N THR B 334 -2.21 -12.69 -19.26
CA THR B 334 -1.95 -11.49 -20.06
C THR B 334 -1.61 -11.65 -21.54
N GLY B 335 -1.37 -12.86 -22.01
CA GLY B 335 -1.19 -13.15 -23.42
C GLY B 335 0.24 -12.93 -23.92
N THR B 336 1.21 -13.11 -23.05
CA THR B 336 2.61 -12.91 -23.44
C THR B 336 3.22 -14.28 -23.73
N SER B 337 4.22 -14.28 -24.60
CA SER B 337 4.81 -15.52 -25.03
C SER B 337 5.66 -16.15 -23.95
N LEU B 338 6.22 -15.35 -23.05
CA LEU B 338 6.94 -15.94 -21.91
C LEU B 338 6.02 -16.29 -20.71
N GLY B 339 5.14 -15.34 -20.41
CA GLY B 339 4.18 -15.39 -19.33
C GLY B 339 3.18 -16.54 -19.35
N ASP B 340 2.54 -16.72 -20.51
CA ASP B 340 1.44 -17.69 -20.63
C ASP B 340 1.85 -19.16 -20.30
N PRO B 341 3.00 -19.60 -20.85
CA PRO B 341 3.42 -20.97 -20.57
C PRO B 341 3.85 -21.12 -19.13
N ILE B 342 4.49 -20.08 -18.58
CA ILE B 342 4.84 -20.10 -17.19
C ILE B 342 3.62 -20.18 -16.27
N GLU B 343 2.55 -19.45 -16.60
CA GLU B 343 1.38 -19.48 -15.75
C GLU B 343 0.81 -20.94 -15.76
N ILE B 344 0.76 -21.58 -16.93
CA ILE B 344 0.29 -22.95 -16.96
C ILE B 344 1.20 -23.90 -16.19
N GLU B 345 2.50 -23.69 -16.29
CA GLU B 345 3.45 -24.53 -15.58
C GLU B 345 3.26 -24.38 -14.06
N GLY B 346 3.09 -23.17 -13.57
CA GLY B 346 2.90 -22.92 -12.14
C GLY B 346 1.61 -23.54 -11.68
N LEU B 347 0.53 -23.38 -12.45
CA LEU B 347 -0.75 -23.99 -12.03
C LEU B 347 -0.67 -25.50 -12.04
N SER B 348 -0.05 -26.05 -13.09
CA SER B 348 0.08 -27.55 -13.19
C SER B 348 0.90 -28.12 -12.06
N LYS B 349 2.00 -27.46 -11.72
CA LYS B 349 2.78 -27.92 -10.60
C LYS B 349 2.01 -27.87 -9.27
N ALA B 350 1.32 -26.77 -9.02
CA ALA B 350 0.49 -26.71 -7.84
C ALA B 350 -0.62 -27.76 -7.80
N PHE B 351 -1.24 -28.04 -8.91
CA PHE B 351 -2.35 -28.95 -8.94
C PHE B 351 -1.90 -30.43 -8.83
N SER B 352 -0.65 -30.69 -9.19
CA SER B 352 -0.11 -32.04 -9.33
C SER B 352 0.06 -32.68 -8.04
N GLN B 353 0.48 -31.92 -7.03
CA GLN B 353 0.60 -32.42 -5.68
C GLN B 353 -0.88 -32.38 -5.35
N GLY B 354 -1.57 -33.44 -5.56
CA GLY B 354 -3.00 -33.47 -5.43
C GLY B 354 -3.92 -34.15 -6.41
N THR B 355 -3.46 -34.37 -7.63
CA THR B 355 -4.16 -35.21 -8.60
C THR B 355 -3.34 -35.51 -9.81
N GLN B 356 -3.72 -36.57 -10.48
CA GLN B 356 -3.23 -36.78 -11.79
C GLN B 356 -4.29 -36.72 -12.88
N ASP B 357 -5.52 -36.35 -12.56
CA ASP B 357 -6.55 -36.27 -13.62
C ASP B 357 -6.27 -35.10 -14.51
N GLN B 358 -6.71 -35.21 -15.76
CA GLN B 358 -6.45 -34.21 -16.74
C GLN B 358 -7.70 -33.52 -17.26
N GLN B 359 -7.55 -32.24 -17.61
CA GLN B 359 -8.59 -31.46 -18.22
C GLN B 359 -9.95 -31.50 -17.51
N PHE B 360 -9.91 -31.35 -16.20
CA PHE B 360 -11.14 -31.32 -15.40
C PHE B 360 -11.47 -29.88 -15.01
N CYS B 361 -10.55 -28.97 -15.21
CA CYS B 361 -10.77 -27.58 -14.76
C CYS B 361 -10.74 -26.61 -15.96
N SER B 362 -11.76 -25.78 -16.08
CA SER B 362 -11.84 -24.76 -17.09
C SER B 362 -10.93 -23.59 -16.68
N ILE B 363 -10.42 -22.86 -17.64
CA ILE B 363 -9.62 -21.69 -17.34
C ILE B 363 -9.91 -20.59 -18.36
N GLY B 364 -9.70 -19.33 -17.97
CA GLY B 364 -9.93 -18.19 -18.85
C GLY B 364 -9.37 -16.96 -18.17
N SER B 365 -9.50 -15.82 -18.83
CA SER B 365 -9.18 -14.55 -18.18
C SER B 365 -10.04 -13.46 -18.76
N VAL B 366 -10.46 -12.61 -17.84
CA VAL B 366 -11.21 -11.39 -18.16
C VAL B 366 -10.36 -10.41 -18.98
N LYS B 367 -9.03 -10.55 -18.94
CA LYS B 367 -8.18 -9.73 -19.78
C LYS B 367 -8.43 -9.90 -21.27
N SER B 368 -8.96 -11.07 -21.64
CA SER B 368 -9.28 -11.34 -22.99
C SER B 368 -10.44 -10.49 -23.45
N ASN B 369 -11.25 -10.01 -22.49
CA ASN B 369 -12.43 -9.15 -22.78
C ASN B 369 -12.11 -7.64 -22.74
N ILE B 370 -11.47 -7.20 -21.64
CA ILE B 370 -11.34 -5.80 -21.32
C ILE B 370 -9.93 -5.28 -21.24
N GLY B 371 -8.97 -6.16 -21.49
CA GLY B 371 -7.57 -5.85 -21.32
C GLY B 371 -7.06 -6.03 -19.90
N HIS B 372 -5.78 -5.69 -19.75
CA HIS B 372 -5.11 -5.75 -18.47
C HIS B 372 -5.38 -4.46 -17.74
N ALA B 373 -6.30 -4.50 -16.77
CA ALA B 373 -6.65 -3.34 -16.02
C ALA B 373 -5.65 -2.93 -14.96
N GLU B 374 -4.43 -3.51 -14.99
CA GLU B 374 -3.33 -3.06 -14.21
C GLU B 374 -3.66 -3.13 -12.71
N SER B 375 -3.73 -2.00 -12.01
CA SER B 375 -4.06 -2.08 -10.61
C SER B 375 -5.51 -2.53 -10.38
N ALA B 376 -6.35 -2.45 -11.42
CA ALA B 376 -7.68 -2.97 -11.32
C ALA B 376 -7.85 -4.33 -12.00
N ALA B 377 -6.74 -4.97 -12.37
CA ALA B 377 -6.80 -6.30 -12.85
C ALA B 377 -7.35 -7.35 -11.87
N GLY B 378 -6.94 -7.30 -10.62
CA GLY B 378 -7.41 -8.26 -9.63
C GLY B 378 -8.92 -8.10 -9.35
N ILE B 379 -9.37 -6.86 -9.24
CA ILE B 379 -10.77 -6.63 -8.93
C ILE B 379 -11.68 -7.01 -10.10
N SER B 380 -11.25 -6.77 -11.32
CA SER B 380 -12.05 -7.23 -12.45
C SER B 380 -12.12 -8.77 -12.52
N GLY B 381 -10.99 -9.42 -12.32
CA GLY B 381 -10.96 -10.87 -12.26
C GLY B 381 -11.77 -11.46 -11.12
N LEU B 382 -11.73 -10.84 -9.94
CA LEU B 382 -12.49 -11.36 -8.81
C LEU B 382 -14.02 -11.13 -9.02
N THR B 383 -14.37 -10.01 -9.65
CA THR B 383 -15.77 -9.69 -9.94
C THR B 383 -16.31 -10.76 -10.94
N LYS B 384 -15.53 -11.04 -11.99
CA LYS B 384 -15.92 -12.06 -12.97
C LYS B 384 -16.08 -13.41 -12.24
N ALA B 385 -15.08 -13.80 -11.47
CA ALA B 385 -15.15 -15.08 -10.76
C ALA B 385 -16.38 -15.25 -9.82
N ALA B 386 -16.67 -14.22 -9.07
CA ALA B 386 -17.80 -14.18 -8.17
C ALA B 386 -19.14 -14.22 -8.93
N LEU B 387 -19.22 -13.50 -10.04
CA LEU B 387 -20.42 -13.57 -10.88
C LEU B 387 -20.67 -14.97 -11.43
N GLN B 388 -19.62 -15.60 -11.92
CA GLN B 388 -19.74 -16.93 -12.49
C GLN B 388 -20.28 -17.90 -11.47
N LEU B 389 -19.82 -17.74 -10.24
CA LEU B 389 -20.24 -18.58 -9.17
C LEU B 389 -21.70 -18.31 -8.86
N HIS B 390 -22.02 -17.04 -8.62
CA HIS B 390 -23.39 -16.66 -8.28
C HIS B 390 -24.39 -17.07 -9.34
N HIS B 391 -24.04 -16.90 -10.60
CA HIS B 391 -24.89 -17.24 -11.69
C HIS B 391 -24.72 -18.66 -12.23
N LYS B 392 -23.81 -19.46 -11.70
CA LYS B 392 -23.54 -20.81 -12.17
C LYS B 392 -23.33 -20.91 -13.66
N THR B 393 -22.49 -20.04 -14.18
CA THR B 393 -22.23 -19.85 -15.59
C THR B 393 -20.77 -19.62 -15.81
N LEU B 394 -20.16 -20.35 -16.76
CA LEU B 394 -18.77 -20.09 -17.13
C LEU B 394 -18.75 -19.36 -18.47
N VAL B 395 -18.07 -18.24 -18.54
CA VAL B 395 -18.11 -17.47 -19.80
C VAL B 395 -16.90 -17.72 -20.71
N LYS B 396 -17.10 -17.44 -22.00
CA LYS B 396 -16.05 -17.55 -23.01
C LYS B 396 -14.80 -16.75 -22.63
N SER B 397 -13.65 -17.31 -22.91
CA SER B 397 -12.38 -16.63 -22.85
C SER B 397 -12.04 -16.38 -24.31
N LEU B 398 -11.76 -15.13 -24.62
CA LEU B 398 -11.54 -14.70 -25.99
C LEU B 398 -10.13 -14.95 -26.55
N HIS B 399 -10.02 -14.95 -27.88
CA HIS B 399 -8.76 -14.99 -28.57
C HIS B 399 -7.90 -16.28 -28.44
N SER B 400 -8.52 -17.39 -28.18
CA SER B 400 -7.83 -18.59 -28.11
C SER B 400 -8.47 -19.69 -29.00
N ALA B 401 -9.24 -19.29 -30.00
CA ALA B 401 -9.79 -20.27 -30.96
C ALA B 401 -8.60 -21.07 -31.51
N GLU B 402 -7.52 -20.38 -31.82
CA GLU B 402 -6.20 -21.01 -31.98
C GLU B 402 -5.41 -20.90 -30.71
N LEU B 403 -5.13 -22.04 -30.09
CA LEU B 403 -4.35 -22.07 -28.88
C LEU B 403 -2.88 -21.75 -29.10
N ASN B 404 -2.21 -21.27 -28.07
CA ASN B 404 -0.78 -21.17 -28.11
C ASN B 404 -0.21 -22.59 -28.29
N PRO B 405 0.44 -22.81 -29.43
CA PRO B 405 0.80 -24.16 -29.85
C PRO B 405 1.78 -24.82 -28.94
N TYR B 406 2.48 -24.07 -28.10
CA TYR B 406 3.39 -24.67 -27.17
C TYR B 406 2.75 -25.17 -25.90
N LEU B 407 1.56 -24.69 -25.55
CA LEU B 407 0.97 -25.08 -24.28
C LEU B 407 0.44 -26.52 -24.55
N LYS B 408 0.52 -27.39 -23.59
CA LYS B 408 0.03 -28.75 -23.86
C LYS B 408 -1.09 -28.93 -22.87
N PHE B 409 -2.29 -28.51 -23.22
CA PHE B 409 -3.38 -28.52 -22.29
C PHE B 409 -3.79 -29.97 -21.99
N GLU B 410 -3.65 -30.87 -22.95
CA GLU B 410 -4.04 -32.29 -22.78
C GLU B 410 -3.30 -32.97 -21.66
N GLU B 411 -2.12 -32.50 -21.33
CA GLU B 411 -1.29 -33.08 -20.29
C GLU B 411 -1.39 -32.27 -19.01
N SER B 412 -2.46 -31.51 -18.84
CA SER B 412 -2.59 -30.61 -17.75
C SER B 412 -3.99 -30.82 -17.17
N PRO B 413 -4.25 -30.20 -16.02
CA PRO B 413 -5.57 -30.10 -15.43
C PRO B 413 -6.60 -29.31 -16.21
N PHE B 414 -6.20 -28.55 -17.22
CA PHE B 414 -7.03 -27.45 -17.70
C PHE B 414 -7.46 -27.59 -19.13
N TYR B 415 -8.57 -26.93 -19.42
CA TYR B 415 -8.95 -26.60 -20.83
C TYR B 415 -9.44 -25.17 -20.83
N VAL B 416 -9.27 -24.45 -21.96
CA VAL B 416 -9.71 -23.09 -22.04
C VAL B 416 -11.21 -22.98 -22.37
N GLN B 417 -11.95 -22.21 -21.61
CA GLN B 417 -13.37 -22.02 -21.86
C GLN B 417 -13.63 -21.26 -23.17
N GLN B 418 -14.20 -21.94 -24.18
CA GLN B 418 -14.35 -21.39 -25.53
C GLN B 418 -15.81 -20.91 -25.78
N GLN B 419 -16.75 -21.24 -24.91
CA GLN B 419 -18.16 -20.73 -25.12
C GLN B 419 -18.74 -20.47 -23.80
N THR B 420 -19.72 -19.58 -23.72
CA THR B 420 -20.43 -19.34 -22.46
C THR B 420 -21.35 -20.47 -22.25
N ALA B 421 -21.34 -21.10 -21.10
CA ALA B 421 -22.21 -22.22 -20.84
C ALA B 421 -22.51 -22.36 -19.38
N PRO B 422 -23.60 -23.09 -19.03
CA PRO B 422 -23.82 -23.48 -17.64
C PRO B 422 -22.62 -24.14 -16.98
N TRP B 423 -22.36 -23.79 -15.71
CA TRP B 423 -21.35 -24.40 -14.93
C TRP B 423 -21.91 -25.69 -14.30
N LYS B 424 -21.50 -26.83 -14.80
CA LYS B 424 -22.06 -28.10 -14.37
C LYS B 424 -21.71 -28.44 -12.91
N GLN B 425 -22.65 -29.06 -12.25
CA GLN B 425 -22.49 -29.48 -10.89
C GLN B 425 -21.26 -30.34 -10.81
N PRO B 426 -20.21 -29.90 -10.08
CA PRO B 426 -19.07 -30.75 -9.96
C PRO B 426 -19.43 -32.03 -9.16
N SER B 427 -18.84 -33.13 -9.48
CA SER B 427 -19.15 -34.31 -8.69
C SER B 427 -18.06 -35.34 -8.56
N TYR B 437 -19.78 -31.99 -5.02
CA TYR B 437 -19.11 -30.92 -4.21
C TYR B 437 -19.33 -29.54 -4.84
N PRO B 438 -19.13 -28.47 -4.07
CA PRO B 438 -19.41 -27.14 -4.58
C PRO B 438 -18.57 -26.70 -5.73
N ARG B 439 -19.11 -25.79 -6.52
CA ARG B 439 -18.34 -25.06 -7.50
C ARG B 439 -17.30 -24.19 -6.78
N ARG B 440 -16.06 -24.32 -7.16
CA ARG B 440 -14.90 -23.62 -6.60
C ARG B 440 -14.06 -23.06 -7.76
N ALA B 441 -13.59 -21.82 -7.57
CA ALA B 441 -12.75 -21.17 -8.52
C ALA B 441 -11.41 -20.72 -7.88
N GLY B 442 -10.32 -20.84 -8.59
CA GLY B 442 -9.05 -20.17 -8.21
C GLY B 442 -8.91 -18.84 -8.98
N LEU B 443 -8.19 -17.87 -8.42
CA LEU B 443 -8.01 -16.60 -9.07
C LEU B 443 -6.57 -16.13 -8.86
N SER B 444 -5.83 -15.82 -9.94
CA SER B 444 -4.44 -15.45 -9.85
C SER B 444 -4.21 -14.04 -10.37
N SER B 445 -3.26 -13.32 -9.72
CA SER B 445 -2.77 -12.05 -10.22
C SER B 445 -1.31 -11.91 -9.90
N PHE B 446 -0.47 -11.69 -10.94
CA PHE B 446 0.98 -11.71 -10.79
C PHE B 446 1.59 -10.34 -11.18
N GLY B 447 2.19 -9.62 -10.22
CA GLY B 447 2.72 -8.31 -10.52
C GLY B 447 3.94 -8.44 -11.37
N ALA B 448 4.14 -7.43 -12.20
CA ALA B 448 5.25 -7.43 -13.17
C ALA B 448 6.56 -7.45 -12.47
N SER B 449 6.67 -6.87 -11.28
CA SER B 449 7.94 -6.94 -10.51
C SER B 449 7.95 -7.94 -9.33
N GLY B 450 7.12 -8.97 -9.42
CA GLY B 450 7.25 -10.13 -8.60
C GLY B 450 6.30 -10.47 -7.50
N SER B 451 5.35 -9.57 -7.13
CA SER B 451 4.40 -9.80 -6.12
C SER B 451 3.23 -10.60 -6.67
N ASN B 452 3.00 -11.82 -6.11
CA ASN B 452 2.01 -12.75 -6.61
C ASN B 452 0.86 -12.81 -5.68
N ALA B 453 -0.30 -13.17 -6.14
CA ALA B 453 -1.50 -13.35 -5.29
C ALA B 453 -2.38 -14.46 -5.87
N HIS B 454 -2.95 -15.28 -5.01
CA HIS B 454 -4.01 -16.24 -5.44
C HIS B 454 -5.07 -16.27 -4.40
N ILE B 455 -6.31 -16.37 -4.86
CA ILE B 455 -7.48 -16.46 -4.02
C ILE B 455 -8.38 -17.64 -4.47
N ILE B 456 -8.92 -18.38 -3.53
CA ILE B 456 -9.90 -19.48 -3.87
C ILE B 456 -11.27 -19.06 -3.32
N LEU B 457 -12.26 -19.15 -4.20
CA LEU B 457 -13.64 -18.82 -3.91
C LEU B 457 -14.48 -20.08 -4.04
N GLU B 458 -15.63 -20.07 -3.38
CA GLU B 458 -16.59 -21.16 -3.42
C GLU B 458 -17.99 -20.57 -3.55
N GLU B 459 -18.85 -21.25 -4.30
CA GLU B 459 -20.26 -20.79 -4.39
C GLU B 459 -20.93 -20.79 -3.05
N TYR B 460 -21.80 -19.84 -2.84
CA TYR B 460 -22.60 -19.81 -1.65
C TYR B 460 -23.83 -20.66 -1.84
N ILE B 461 -24.01 -21.65 -0.98
CA ILE B 461 -25.22 -22.43 -0.97
C ILE B 461 -26.05 -22.18 0.31
N GLN B 462 -27.18 -21.55 0.14
CA GLN B 462 -28.08 -21.24 1.21
C GLN B 462 -28.57 -22.50 1.93
N LYS B 476 -46.81 -3.25 -1.71
CA LYS B 476 -45.61 -2.88 -0.99
C LYS B 476 -45.18 -1.48 -1.36
N LEU B 477 -44.41 -0.90 -0.47
CA LEU B 477 -44.01 0.47 -0.57
C LEU B 477 -42.59 0.60 -1.10
N ILE B 478 -42.44 1.35 -2.17
CA ILE B 478 -41.16 1.62 -2.84
C ILE B 478 -40.75 3.11 -2.67
N PRO B 479 -39.97 3.41 -1.61
CA PRO B 479 -39.56 4.75 -1.32
C PRO B 479 -38.24 5.16 -1.99
N LEU B 480 -38.34 5.77 -3.16
CA LEU B 480 -37.23 6.20 -3.96
C LEU B 480 -36.83 7.64 -3.62
N SER B 481 -35.55 7.94 -3.58
CA SER B 481 -35.09 9.26 -3.28
C SER B 481 -33.79 9.59 -3.95
N ALA B 482 -33.65 10.86 -4.25
CA ALA B 482 -32.36 11.33 -4.71
C ALA B 482 -32.12 12.77 -4.24
N ARG B 483 -30.96 13.32 -4.61
CA ARG B 483 -30.56 14.64 -4.17
C ARG B 483 -31.51 15.74 -4.74
N ASN B 484 -32.02 15.55 -5.94
CA ASN B 484 -32.88 16.51 -6.60
C ASN B 484 -33.83 15.82 -7.61
N LYS B 485 -34.67 16.62 -8.27
CA LYS B 485 -35.73 16.05 -9.08
C LYS B 485 -35.14 15.40 -10.35
N ASP B 486 -34.20 16.05 -10.98
CA ASP B 486 -33.52 15.43 -12.16
C ASP B 486 -32.89 14.03 -11.87
N ARG B 487 -32.23 13.93 -10.75
CA ARG B 487 -31.60 12.64 -10.33
C ARG B 487 -32.68 11.63 -9.96
N LEU B 488 -33.80 12.09 -9.40
CA LEU B 488 -34.90 11.21 -9.07
C LEU B 488 -35.58 10.61 -10.31
N LEU B 489 -35.77 11.40 -11.36
CA LEU B 489 -36.33 10.91 -12.59
C LEU B 489 -35.40 9.89 -13.23
N ALA B 490 -34.09 10.19 -13.22
CA ALA B 490 -33.08 9.25 -13.71
C ALA B 490 -33.11 7.98 -12.89
N TYR B 491 -33.25 8.11 -11.58
CA TYR B 491 -33.34 6.90 -10.72
C TYR B 491 -34.56 6.03 -11.11
N ALA B 492 -35.72 6.65 -11.29
CA ALA B 492 -36.89 5.91 -11.63
C ALA B 492 -36.76 5.19 -12.97
N GLU B 493 -36.17 5.81 -13.95
CA GLU B 493 -35.97 5.18 -15.24
C GLU B 493 -34.96 3.98 -15.16
N LYS B 494 -33.87 4.18 -14.41
CA LYS B 494 -32.92 3.14 -14.22
C LYS B 494 -33.50 1.94 -13.45
N LEU B 495 -34.34 2.24 -12.45
CA LEU B 495 -35.02 1.19 -11.75
C LEU B 495 -36.00 0.45 -12.70
N ALA B 496 -36.78 1.22 -13.45
CA ALA B 496 -37.79 0.59 -14.34
C ALA B 496 -37.13 -0.38 -15.31
N ARG B 497 -36.03 0.04 -15.90
CA ARG B 497 -35.34 -0.81 -16.89
C ARG B 497 -34.81 -2.08 -16.30
N SER B 498 -34.55 -2.13 -15.01
CA SER B 498 -34.05 -3.37 -14.40
C SER B 498 -35.10 -4.38 -14.13
N LEU B 499 -36.36 -3.98 -14.22
CA LEU B 499 -37.45 -4.82 -13.76
C LEU B 499 -37.80 -5.87 -14.83
N SER B 500 -38.05 -7.09 -14.40
CA SER B 500 -38.45 -8.19 -15.31
C SER B 500 -39.32 -9.13 -14.49
N GLU B 501 -39.69 -10.26 -15.09
CA GLU B 501 -40.50 -11.28 -14.37
C GLU B 501 -39.73 -12.03 -13.30
N LYS B 502 -38.42 -11.83 -13.25
CA LYS B 502 -37.56 -12.39 -12.22
C LYS B 502 -37.34 -11.52 -10.96
N THR B 503 -37.70 -10.25 -11.00
CA THR B 503 -37.63 -9.38 -9.81
C THR B 503 -38.55 -9.84 -8.73
N VAL B 504 -38.09 -9.85 -7.50
CA VAL B 504 -38.86 -10.27 -6.38
C VAL B 504 -39.26 -9.01 -5.61
N LEU B 505 -40.53 -8.65 -5.67
CA LEU B 505 -41.00 -7.45 -5.02
C LEU B 505 -40.63 -7.26 -3.58
N SER B 506 -40.89 -8.26 -2.77
CA SER B 506 -40.66 -8.10 -1.33
C SER B 506 -39.17 -7.77 -1.08
N GLU B 507 -38.28 -8.34 -1.89
CA GLU B 507 -36.85 -8.13 -1.65
C GLU B 507 -36.49 -6.76 -2.19
N LEU B 508 -36.99 -6.44 -3.37
CA LEU B 508 -36.79 -5.11 -3.92
C LEU B 508 -37.19 -4.01 -2.93
N ALA B 509 -38.37 -4.15 -2.35
CA ALA B 509 -38.90 -3.16 -1.45
C ALA B 509 -38.10 -3.09 -0.15
N TYR B 510 -37.77 -4.22 0.45
CA TYR B 510 -36.96 -4.25 1.69
C TYR B 510 -35.62 -3.50 1.44
N THR B 511 -35.02 -3.77 0.27
CA THR B 511 -33.68 -3.24 -0.03
C THR B 511 -33.75 -1.74 -0.26
N ILE B 512 -34.75 -1.27 -1.02
CA ILE B 512 -34.89 0.21 -1.16
C ILE B 512 -35.27 0.92 0.15
N GLN B 513 -36.10 0.29 0.95
CA GLN B 513 -36.47 0.79 2.24
C GLN B 513 -35.29 0.88 3.21
N THR B 514 -34.56 -0.21 3.38
CA THR B 514 -33.50 -0.27 4.44
C THR B 514 -32.04 -0.17 3.95
N GLY B 515 -31.84 -0.19 2.64
CA GLY B 515 -30.54 -0.19 2.05
C GLY B 515 -30.30 0.95 1.10
N ARG B 516 -31.10 1.99 1.21
CA ARG B 516 -30.80 3.26 0.51
C ARG B 516 -30.98 4.42 1.42
N GLU B 517 -30.11 5.44 1.30
CA GLU B 517 -30.29 6.60 2.19
C GLU B 517 -31.59 7.31 1.80
N ALA B 518 -32.27 7.91 2.76
CA ALA B 518 -33.54 8.63 2.48
C ALA B 518 -33.11 10.07 2.14
N MET B 519 -33.03 10.43 0.85
CA MET B 519 -32.47 11.73 0.41
C MET B 519 -33.53 12.78 0.23
N GLU B 520 -33.09 13.94 -0.30
CA GLU B 520 -33.88 15.19 -0.26
C GLU B 520 -35.15 15.15 -1.04
N GLU B 521 -35.10 14.58 -2.23
CA GLU B 521 -36.25 14.58 -3.14
C GLU B 521 -36.84 13.20 -3.17
N ARG B 522 -38.12 13.07 -2.85
CA ARG B 522 -38.70 11.76 -2.64
C ARG B 522 -39.94 11.41 -3.49
N ALA B 523 -40.03 10.14 -3.85
CA ALA B 523 -41.16 9.56 -4.55
C ALA B 523 -41.41 8.19 -4.02
N VAL B 524 -42.51 8.01 -3.29
CA VAL B 524 -42.86 6.70 -2.76
C VAL B 524 -43.99 6.13 -3.56
N PHE B 525 -43.84 4.90 -3.94
CA PHE B 525 -44.89 4.20 -4.74
C PHE B 525 -45.51 3.11 -3.89
N LEU B 526 -46.85 3.00 -3.91
CA LEU B 526 -47.56 1.88 -3.28
C LEU B 526 -48.02 0.97 -4.39
N VAL B 527 -47.49 -0.24 -4.48
CA VAL B 527 -47.68 -1.09 -5.66
C VAL B 527 -48.12 -2.51 -5.37
N ASN B 528 -48.93 -3.10 -6.23
CA ASN B 528 -49.42 -4.44 -6.03
C ASN B 528 -48.44 -5.51 -6.41
N ASP B 529 -47.68 -5.25 -7.46
CA ASP B 529 -46.76 -6.19 -8.08
C ASP B 529 -45.84 -5.43 -9.03
N ILE B 530 -44.89 -6.16 -9.61
CA ILE B 530 -43.86 -5.55 -10.38
C ILE B 530 -44.41 -4.88 -11.66
N ARG B 531 -45.43 -5.47 -12.29
CA ARG B 531 -46.00 -4.83 -13.46
C ARG B 531 -46.58 -3.47 -13.10
N ASP B 532 -47.27 -3.41 -11.97
CA ASP B 532 -47.86 -2.16 -11.49
C ASP B 532 -46.72 -1.17 -11.16
N LEU B 533 -45.63 -1.66 -10.54
CA LEU B 533 -44.48 -0.76 -10.28
C LEU B 533 -43.91 -0.19 -11.56
N LYS B 534 -43.75 -1.06 -12.56
CA LYS B 534 -43.12 -0.61 -13.81
C LYS B 534 -43.94 0.44 -14.52
N GLN B 535 -45.25 0.25 -14.48
CA GLN B 535 -46.16 1.20 -15.12
C GLN B 535 -46.05 2.57 -14.40
N LYS B 536 -46.11 2.56 -13.07
CA LYS B 536 -46.00 3.83 -12.31
C LYS B 536 -44.70 4.59 -12.53
N LEU B 537 -43.58 3.85 -12.64
CA LEU B 537 -42.26 4.50 -12.79
C LEU B 537 -42.24 5.13 -14.13
N ASN B 538 -42.74 4.42 -15.13
CA ASN B 538 -42.81 4.99 -16.50
C ASN B 538 -43.72 6.22 -16.57
N ASP B 539 -44.88 6.16 -15.92
CA ASP B 539 -45.74 7.33 -15.86
C ASP B 539 -45.05 8.53 -15.17
N PHE B 540 -44.32 8.25 -14.08
CA PHE B 540 -43.51 9.31 -13.38
C PHE B 540 -42.44 9.88 -14.30
N VAL B 541 -41.72 8.97 -14.97
CA VAL B 541 -40.62 9.40 -15.85
C VAL B 541 -41.13 10.24 -17.01
N LYS B 542 -42.29 9.91 -17.54
CA LYS B 542 -42.75 10.67 -18.69
C LYS B 542 -43.50 11.93 -18.26
N GLY B 543 -43.48 12.23 -16.96
CA GLY B 543 -43.92 13.50 -16.45
C GLY B 543 -45.43 13.58 -16.20
N ASN B 544 -46.12 12.45 -16.04
CA ASN B 544 -47.53 12.41 -15.69
C ASN B 544 -47.88 12.96 -14.33
N GLU B 545 -48.95 13.72 -14.30
CA GLU B 545 -49.17 14.65 -13.22
C GLU B 545 -49.83 13.94 -12.07
N ASN B 546 -50.80 13.10 -12.35
CA ASN B 546 -51.63 12.71 -11.26
C ASN B 546 -51.55 11.23 -11.21
N ILE B 547 -50.64 10.71 -10.37
CA ILE B 547 -50.44 9.30 -10.37
C ILE B 547 -50.99 8.79 -9.07
N PRO B 548 -52.07 8.00 -9.14
CA PRO B 548 -52.54 7.41 -7.89
C PRO B 548 -51.48 6.46 -7.34
N GLY B 549 -51.33 6.44 -6.03
CA GLY B 549 -50.38 5.57 -5.36
C GLY B 549 -48.91 6.04 -5.51
N LEU B 550 -48.71 7.32 -5.78
CA LEU B 550 -47.42 8.02 -5.71
C LEU B 550 -47.54 9.23 -4.82
N TRP B 551 -46.69 9.34 -3.83
CA TRP B 551 -46.57 10.53 -3.00
C TRP B 551 -45.18 11.11 -3.22
N ARG B 552 -45.12 12.41 -3.41
CA ARG B 552 -43.90 13.16 -3.72
C ARG B 552 -43.65 14.15 -2.62
N GLY B 553 -42.40 14.47 -2.32
CA GLY B 553 -42.14 15.60 -1.47
C GLY B 553 -40.65 15.81 -1.37
N GLN B 554 -40.29 16.75 -0.48
CA GLN B 554 -38.89 17.08 -0.13
C GLN B 554 -38.60 16.81 1.35
N ASP B 568 -48.57 1.47 11.23
CA ASP B 568 -48.32 0.51 10.17
C ASP B 568 -49.22 0.57 8.93
N ASP B 569 -49.94 1.66 8.80
CA ASP B 569 -50.83 1.86 7.69
C ASP B 569 -49.99 2.39 6.54
N SER B 570 -50.10 1.74 5.41
CA SER B 570 -49.23 1.97 4.28
C SER B 570 -49.34 3.36 3.77
N ILE B 571 -50.55 3.78 3.52
CA ILE B 571 -50.79 5.11 3.06
C ILE B 571 -50.20 6.19 3.98
N ARG B 572 -50.38 6.04 5.26
CA ARG B 572 -49.90 7.03 6.18
C ARG B 572 -48.38 7.01 6.17
N LEU B 573 -47.80 5.84 6.14
CA LEU B 573 -46.37 5.73 6.10
C LEU B 573 -45.84 6.49 4.93
N ALA B 574 -46.44 6.24 3.79
CA ALA B 574 -46.06 6.94 2.61
C ALA B 574 -46.15 8.45 2.72
N GLU B 575 -47.32 8.92 3.18
CA GLU B 575 -47.53 10.30 3.37
C GLU B 575 -46.44 10.90 4.26
N LEU B 576 -46.17 10.22 5.37
CA LEU B 576 -45.22 10.76 6.32
C LEU B 576 -43.78 10.84 5.71
N TRP B 577 -43.39 9.75 5.03
CA TRP B 577 -42.07 9.68 4.37
C TRP B 577 -41.92 10.74 3.31
N ALA B 578 -42.96 10.94 2.50
CA ALA B 578 -42.88 11.96 1.43
C ALA B 578 -42.72 13.36 1.97
N GLU B 579 -43.28 13.59 3.14
CA GLU B 579 -43.19 14.90 3.83
C GLU B 579 -41.82 15.11 4.49
N GLY B 580 -41.01 14.07 4.61
CA GLY B 580 -39.66 14.25 5.16
C GLY B 580 -39.41 13.57 6.48
N LYS B 581 -40.39 12.93 7.05
CA LYS B 581 -40.21 12.17 8.25
C LYS B 581 -39.35 10.92 8.08
N THR B 582 -38.73 10.51 9.16
CA THR B 582 -37.95 9.31 9.15
C THR B 582 -38.87 8.17 9.47
N VAL B 583 -38.86 7.12 8.67
CA VAL B 583 -39.63 5.95 8.99
C VAL B 583 -38.70 4.84 9.32
N ASP B 584 -38.98 4.13 10.39
CA ASP B 584 -38.23 2.95 10.69
C ASP B 584 -38.84 1.76 9.99
N TRP B 585 -38.43 1.54 8.74
CA TRP B 585 -39.04 0.50 7.93
C TRP B 585 -38.84 -0.87 8.53
N ASN B 586 -37.81 -1.05 9.31
CA ASN B 586 -37.58 -2.36 9.94
C ASN B 586 -38.66 -2.84 10.85
N LYS B 587 -39.29 -1.90 11.54
CA LYS B 587 -40.39 -2.22 12.47
C LYS B 587 -41.48 -3.00 11.76
N LEU B 588 -41.62 -2.84 10.46
CA LEU B 588 -42.67 -3.57 9.75
C LEU B 588 -42.41 -5.04 9.55
N TYR B 589 -41.24 -5.53 9.96
CA TYR B 589 -40.81 -6.86 9.54
C TYR B 589 -40.61 -7.77 10.75
N LYS B 593 -37.22 -11.01 7.81
CA LYS B 593 -36.71 -10.03 6.83
C LYS B 593 -36.62 -10.70 5.47
N PRO B 594 -37.12 -10.04 4.43
CA PRO B 594 -36.74 -10.51 3.12
C PRO B 594 -35.22 -10.43 2.96
N ARG B 595 -34.71 -11.24 2.06
CA ARG B 595 -33.27 -11.20 1.76
C ARG B 595 -32.97 -9.94 0.90
N LYS B 596 -31.76 -9.44 1.05
CA LYS B 596 -31.34 -8.28 0.28
C LYS B 596 -31.10 -8.74 -1.14
N THR B 597 -31.22 -7.82 -2.09
CA THR B 597 -31.05 -8.15 -3.50
C THR B 597 -30.61 -6.92 -4.28
N SER B 598 -29.81 -7.15 -5.32
CA SER B 598 -29.31 -6.10 -6.14
C SER B 598 -30.48 -5.31 -6.71
N VAL B 599 -30.37 -4.02 -6.52
CA VAL B 599 -31.21 -3.05 -7.09
C VAL B 599 -30.29 -2.01 -7.72
N PRO B 600 -30.69 -1.39 -8.85
CA PRO B 600 -29.86 -0.29 -9.39
C PRO B 600 -29.48 0.75 -8.35
N THR B 601 -28.26 1.24 -8.50
CA THR B 601 -27.64 2.16 -7.54
C THR B 601 -27.74 3.59 -8.03
N TYR B 602 -27.37 4.51 -7.16
CA TYR B 602 -27.62 5.93 -7.35
C TYR B 602 -27.13 6.40 -8.69
N PRO B 603 -27.95 7.14 -9.42
CA PRO B 603 -27.62 7.64 -10.77
C PRO B 603 -26.83 8.92 -10.71
N PHE B 604 -25.53 8.79 -10.41
CA PHE B 604 -24.68 9.94 -10.26
C PHE B 604 -24.74 10.78 -11.54
N ALA B 605 -24.77 12.08 -11.40
CA ALA B 605 -24.67 12.99 -12.55
C ALA B 605 -23.32 12.82 -13.21
N LYS B 606 -23.32 12.85 -14.53
CA LYS B 606 -22.12 12.72 -15.30
C LYS B 606 -21.72 14.09 -15.79
N GLU B 607 -21.12 14.89 -14.92
CA GLU B 607 -20.57 16.19 -15.28
C GLU B 607 -19.05 16.08 -15.37
N ARG B 608 -18.50 16.74 -16.37
CA ARG B 608 -17.06 16.76 -16.62
C ARG B 608 -16.29 17.68 -15.66
N TYR B 609 -15.21 17.23 -15.03
CA TYR B 609 -14.29 18.11 -14.30
C TYR B 609 -12.86 17.79 -14.69
N TRP B 610 -12.09 18.80 -15.00
CA TRP B 610 -10.72 18.63 -15.37
C TRP B 610 -9.91 19.83 -14.85
N ILE B 611 -8.61 19.74 -14.86
CA ILE B 611 -7.75 20.88 -14.47
C ILE B 611 -8.00 22.10 -15.36
#